data_5F4U
#
_entry.id   5F4U
#
_cell.length_a   67.439
_cell.length_b   128.123
_cell.length_c   193.599
_cell.angle_alpha   90.00
_cell.angle_beta   90.00
_cell.angle_gamma   90.00
#
_symmetry.space_group_name_H-M   'C 2 2 21'
#
loop_
_entity.id
_entity.type
_entity.pdbx_description
1 polymer 'ENVELOPE GLYCOPROTEIN GP120 of HIV-1 clade C'
2 non-polymer 2-acetamido-2-deoxy-beta-D-glucopyranose
3 non-polymer "~{N}'-[(1~{R},2~{R})-2-(carbamimidamidomethyl)-6-[[carbamimidoyl(methyl)amino]methyl]-2,3-dihydro-1~{H}-inden-1-yl]-~{N}-(4-chloranyl-3-fluoranyl-phenyl)ethanediamide"
#
_entity_poly.entity_id   1
_entity_poly.type   'polypeptide(L)'
_entity_poly.pdbx_seq_one_letter_code
;KTTLFCASDAKAYEKEVHNVWATHACVPTDPNPQEMVLANVTENFNMWKNDMVEQMHEDIISLWDESLKPCVKLTGGSAI
TQACPKVSFDPIPLHYCAPAGFAILKCNNKTFNGTGPCRNVSTVQCTHGIKPVVSTQLLLNGSLAEEEIIIRSENLTNNA
KTIIVHLNESVNIVCTRPNNGGSGSGGNIRQAHCNINESKWNNTLQKVGEELAKHFPSKTIKFEPSSGGDLEITTHSFNC
RGEFFYCNTSDLFNGTYRNGTYNHTGRSSNGTITLQCKIKQIINMWQEVGRAIYAPPIEGEITCNSNITGLLLLRDGGND
DNDTETFRPGGGDMRDNWRSELYKYKVVEI
;
_entity_poly.pdbx_strand_id   A,B
#
loop_
_chem_comp.id
_chem_comp.type
_chem_comp.name
_chem_comp.formula
5VH non-polymer ~{N}'-[(1~{R},2~{R})-2-(carbamimidamidomethyl)-6-[[carbamimidoyl(methyl)amino]methyl]-2,3-dihydro-1~{H}-inden-1-yl]-~{N}-(4-chloranyl-3-fluoranyl-phenyl)ethanediamide 'C22 H26 Cl F N8 O2'
NAG D-saccharide, beta linking 2-acetamido-2-deoxy-beta-D-glucopyranose 'C8 H15 N O6'
#
# COMPACT_ATOMS: atom_id res chain seq x y z
N LYS A 1 -22.24 3.94 26.27
CA LYS A 1 -23.11 2.76 26.16
C LYS A 1 -24.52 3.18 25.76
N THR A 2 -24.63 3.93 24.67
CA THR A 2 -25.92 4.41 24.19
C THR A 2 -26.06 4.29 22.68
N THR A 3 -27.08 4.94 22.12
CA THR A 3 -27.40 4.83 20.71
C THR A 3 -26.46 5.67 19.83
N LEU A 4 -25.64 4.99 19.04
CA LEU A 4 -24.74 5.66 18.10
C LEU A 4 -25.42 5.82 16.75
N PHE A 5 -24.74 6.51 15.83
CA PHE A 5 -25.28 6.76 14.49
C PHE A 5 -24.16 6.95 13.48
N CYS A 6 -24.43 6.66 12.21
CA CYS A 6 -23.40 6.63 11.19
C CYS A 6 -23.28 7.92 10.37
N ALA A 7 -22.07 8.18 9.88
CA ALA A 7 -21.79 9.32 9.00
C ALA A 7 -20.91 8.85 7.85
N SER A 8 -21.04 9.50 6.70
CA SER A 8 -20.32 9.07 5.50
C SER A 8 -20.32 10.14 4.42
N ASP A 9 -19.72 9.80 3.28
CA ASP A 9 -19.77 10.63 2.07
C ASP A 9 -20.38 9.82 0.93
N ALA A 10 -21.70 9.77 0.90
CA ALA A 10 -22.43 8.98 -0.08
C ALA A 10 -23.32 9.88 -0.95
N LYS A 11 -22.91 10.06 -2.20
CA LYS A 11 -23.64 10.94 -3.11
C LYS A 11 -25.03 10.33 -3.38
N ALA A 12 -26.04 11.19 -3.51
CA ALA A 12 -27.43 10.73 -3.53
C ALA A 12 -27.95 10.38 -4.93
N TYR A 13 -27.15 10.65 -5.95
CA TYR A 13 -27.52 10.29 -7.33
C TYR A 13 -27.00 8.90 -7.66
N GLU A 14 -26.17 8.36 -6.78
CA GLU A 14 -25.55 7.06 -7.03
C GLU A 14 -26.55 5.94 -6.79
N LYS A 15 -26.74 5.09 -7.80
CA LYS A 15 -27.71 4.01 -7.73
C LYS A 15 -27.15 2.84 -6.93
N GLU A 16 -25.82 2.80 -6.78
CA GLU A 16 -25.14 1.77 -5.99
C GLU A 16 -25.74 1.69 -4.59
N VAL A 17 -26.07 0.47 -4.17
CA VAL A 17 -26.95 0.25 -3.02
C VAL A 17 -26.46 0.77 -1.67
N HIS A 18 -25.16 0.70 -1.42
CA HIS A 18 -24.62 1.18 -0.14
C HIS A 18 -24.87 2.67 0.01
N ASN A 19 -24.80 3.39 -1.11
CA ASN A 19 -25.12 4.82 -1.12
C ASN A 19 -26.62 5.04 -0.91
N VAL A 20 -27.43 4.20 -1.55
CA VAL A 20 -28.88 4.28 -1.44
C VAL A 20 -29.33 4.07 0.00
N TRP A 21 -28.69 3.13 0.69
CA TRP A 21 -28.95 2.92 2.11
C TRP A 21 -28.40 4.07 2.93
N ALA A 22 -27.14 4.43 2.65
CA ALA A 22 -26.46 5.51 3.38
C ALA A 22 -27.29 6.79 3.39
N THR A 23 -27.49 7.40 2.23
CA THR A 23 -28.19 8.69 2.14
C THR A 23 -29.47 8.71 2.97
N HIS A 24 -30.34 7.74 2.71
CA HIS A 24 -31.61 7.67 3.41
C HIS A 24 -31.44 7.38 4.91
N ALA A 25 -30.43 6.56 5.25
CA ALA A 25 -30.27 6.09 6.62
C ALA A 25 -28.94 6.50 7.28
N CYS A 26 -28.37 7.63 6.88
CA CYS A 26 -27.15 8.13 7.52
C CYS A 26 -27.01 9.64 7.38
N VAL A 27 -25.79 10.15 7.60
CA VAL A 27 -25.54 11.59 7.66
C VAL A 27 -24.26 11.94 6.90
N PRO A 28 -24.22 13.13 6.27
CA PRO A 28 -22.94 13.55 5.69
C PRO A 28 -21.89 13.84 6.76
N THR A 29 -20.67 13.37 6.57
CA THR A 29 -19.63 13.50 7.57
C THR A 29 -19.29 14.96 7.90
N ASP A 30 -18.33 15.15 8.80
CA ASP A 30 -17.89 16.47 9.22
C ASP A 30 -16.38 16.61 9.04
N PRO A 31 -15.92 17.75 8.51
CA PRO A 31 -14.48 17.96 8.38
C PRO A 31 -13.85 18.56 9.65
N ASN A 32 -14.38 18.19 10.81
CA ASN A 32 -13.77 18.59 12.08
C ASN A 32 -12.84 17.50 12.59
N PRO A 33 -11.52 17.66 12.37
CA PRO A 33 -10.58 16.70 12.96
C PRO A 33 -10.52 16.83 14.49
N GLN A 34 -11.67 16.69 15.14
CA GLN A 34 -11.75 16.81 16.59
C GLN A 34 -11.01 15.65 17.25
N GLU A 35 -9.84 15.95 17.80
CA GLU A 35 -8.96 14.94 18.35
C GLU A 35 -8.40 15.40 19.70
N MET A 36 -9.17 15.13 20.76
CA MET A 36 -8.77 15.54 22.10
C MET A 36 -7.65 14.63 22.59
N VAL A 37 -6.42 14.90 22.17
CA VAL A 37 -5.28 14.05 22.49
C VAL A 37 -5.04 14.00 24.00
N LEU A 38 -4.47 12.89 24.46
CA LEU A 38 -4.22 12.68 25.89
C LEU A 38 -3.23 11.52 26.04
N ALA A 39 -2.59 11.39 27.20
CA ALA A 39 -1.59 10.35 27.37
C ALA A 39 -1.25 10.06 28.82
N ASN A 40 -2.14 10.43 29.73
CA ASN A 40 -1.99 10.07 31.14
C ASN A 40 -2.66 8.72 31.36
N VAL A 41 -3.78 8.76 32.08
CA VAL A 41 -4.82 7.72 32.12
C VAL A 41 -4.49 6.44 31.32
N THR A 42 -4.34 5.33 32.05
CA THR A 42 -4.10 4.03 31.44
C THR A 42 -5.36 3.18 31.55
N GLU A 43 -6.18 3.20 30.50
CA GLU A 43 -7.51 2.60 30.54
C GLU A 43 -7.54 1.19 29.95
N ASN A 44 -8.54 0.42 30.36
CA ASN A 44 -8.74 -0.95 29.88
C ASN A 44 -9.74 -1.02 28.73
N PHE A 45 -9.38 -1.76 27.69
CA PHE A 45 -10.28 -2.02 26.56
C PHE A 45 -10.57 -3.51 26.47
N ASN A 46 -11.60 -3.85 25.70
CA ASN A 46 -11.90 -5.24 25.38
C ASN A 46 -12.66 -5.30 24.06
N MET A 47 -11.97 -5.73 23.01
CA MET A 47 -12.54 -5.71 21.67
C MET A 47 -13.58 -6.82 21.46
N TRP A 48 -13.87 -7.59 22.51
CA TRP A 48 -14.79 -8.72 22.42
C TRP A 48 -16.11 -8.40 23.11
N LYS A 49 -16.06 -7.75 24.28
CA LYS A 49 -17.24 -7.09 24.83
C LYS A 49 -17.19 -5.63 24.41
N ASN A 50 -18.04 -5.26 23.45
CA ASN A 50 -17.99 -3.94 22.83
C ASN A 50 -19.22 -3.75 21.94
N ASP A 51 -20.21 -3.03 22.47
CA ASP A 51 -21.52 -2.95 21.83
C ASP A 51 -21.53 -2.25 20.48
N MET A 52 -20.43 -1.58 20.15
CA MET A 52 -20.32 -0.91 18.86
C MET A 52 -20.41 -1.93 17.73
N VAL A 53 -19.89 -3.13 18.00
CA VAL A 53 -19.91 -4.21 17.03
C VAL A 53 -21.34 -4.68 16.74
N GLU A 54 -22.11 -4.94 17.79
CA GLU A 54 -23.48 -5.42 17.61
C GLU A 54 -24.30 -4.35 16.91
N GLN A 55 -24.09 -3.10 17.33
CA GLN A 55 -24.68 -1.94 16.69
C GLN A 55 -24.42 -1.94 15.19
N MET A 56 -23.14 -1.88 14.82
CA MET A 56 -22.74 -1.89 13.42
C MET A 56 -23.32 -3.12 12.71
N HIS A 57 -23.19 -4.27 13.35
CA HIS A 57 -23.60 -5.55 12.79
C HIS A 57 -25.06 -5.51 12.35
N GLU A 58 -25.96 -5.23 13.30
CA GLU A 58 -27.38 -5.22 12.98
C GLU A 58 -27.77 -4.05 12.08
N ASP A 59 -26.78 -3.24 11.70
CA ASP A 59 -26.97 -2.19 10.70
C ASP A 59 -26.47 -2.67 9.33
N ILE A 60 -25.39 -3.45 9.32
CA ILE A 60 -24.94 -4.08 8.08
C ILE A 60 -26.00 -5.07 7.63
N ILE A 61 -26.63 -5.75 8.59
CA ILE A 61 -27.73 -6.66 8.28
C ILE A 61 -28.88 -5.90 7.63
N SER A 62 -29.23 -4.76 8.21
CA SER A 62 -30.27 -3.91 7.66
C SER A 62 -29.90 -3.53 6.22
N LEU A 63 -28.70 -2.96 6.07
CA LEU A 63 -28.16 -2.60 4.75
C LEU A 63 -28.33 -3.73 3.74
N TRP A 64 -27.72 -4.87 4.03
CA TRP A 64 -27.82 -6.06 3.17
C TRP A 64 -29.27 -6.43 2.88
N ASP A 65 -30.10 -6.37 3.90
CA ASP A 65 -31.52 -6.74 3.76
C ASP A 65 -32.25 -5.81 2.80
N GLU A 66 -32.06 -4.50 2.97
CA GLU A 66 -32.69 -3.54 2.07
C GLU A 66 -32.12 -3.69 0.66
N SER A 67 -30.81 -3.96 0.58
CA SER A 67 -30.11 -3.99 -0.71
C SER A 67 -30.27 -5.33 -1.45
N LEU A 68 -29.41 -6.29 -1.14
CA LEU A 68 -29.36 -7.55 -1.89
C LEU A 68 -30.57 -8.44 -1.60
N LYS A 69 -31.59 -8.36 -2.45
CA LYS A 69 -32.77 -9.19 -2.30
C LYS A 69 -32.60 -10.53 -3.04
N PRO A 70 -32.58 -11.65 -2.31
CA PRO A 70 -32.48 -12.95 -2.99
C PRO A 70 -33.81 -13.37 -3.62
N CYS A 71 -33.74 -14.19 -4.68
CA CYS A 71 -34.95 -14.67 -5.35
C CYS A 71 -35.79 -15.41 -4.33
N VAL A 72 -35.12 -16.21 -3.51
CA VAL A 72 -35.78 -16.92 -2.43
C VAL A 72 -34.99 -16.79 -1.13
N LYS A 73 -35.71 -16.77 -0.01
CA LYS A 73 -35.08 -16.76 1.31
C LYS A 73 -35.77 -17.80 2.19
N LEU A 74 -35.07 -18.90 2.44
CA LEU A 74 -35.62 -19.99 3.24
C LEU A 74 -35.09 -19.97 4.66
N THR A 75 -35.98 -20.24 5.61
CA THR A 75 -35.64 -20.28 7.02
C THR A 75 -36.76 -20.95 7.81
N GLY A 76 -36.45 -22.10 8.41
CA GLY A 76 -37.42 -22.85 9.18
C GLY A 76 -38.55 -23.38 8.30
N GLY A 77 -38.18 -23.99 7.18
CA GLY A 77 -39.16 -24.53 6.25
C GLY A 77 -40.08 -23.48 5.66
N SER A 78 -39.73 -22.21 5.86
CA SER A 78 -40.53 -21.09 5.41
C SER A 78 -39.87 -20.42 4.22
N ALA A 79 -40.49 -20.55 3.05
CA ALA A 79 -39.98 -19.93 1.84
C ALA A 79 -40.58 -18.53 1.67
N ILE A 80 -39.79 -17.63 1.12
CA ILE A 80 -40.20 -16.24 0.94
C ILE A 80 -39.55 -15.71 -0.34
N THR A 81 -40.30 -15.76 -1.44
CA THR A 81 -39.78 -15.30 -2.72
C THR A 81 -40.02 -13.81 -2.89
N GLN A 82 -39.32 -13.22 -3.84
CA GLN A 82 -39.49 -11.82 -4.21
C GLN A 82 -38.66 -11.59 -5.47
N ALA A 83 -38.26 -10.35 -5.73
CA ALA A 83 -37.52 -10.03 -6.95
C ALA A 83 -36.02 -10.31 -6.78
N CYS A 84 -35.41 -10.86 -7.82
CA CYS A 84 -33.96 -10.98 -7.89
C CYS A 84 -33.45 -10.08 -9.01
N PRO A 85 -33.34 -8.77 -8.75
CA PRO A 85 -32.78 -7.87 -9.76
C PRO A 85 -31.31 -7.60 -9.45
N LYS A 86 -30.44 -7.85 -10.41
CA LYS A 86 -29.02 -7.57 -10.23
C LYS A 86 -28.82 -6.10 -9.92
N VAL A 87 -27.94 -5.81 -8.96
CA VAL A 87 -27.72 -4.45 -8.49
C VAL A 87 -26.26 -4.02 -8.62
N SER A 88 -26.00 -2.76 -8.32
CA SER A 88 -24.64 -2.23 -8.29
C SER A 88 -24.14 -2.24 -6.85
N PHE A 89 -22.95 -2.80 -6.63
CA PHE A 89 -22.51 -3.15 -5.28
C PHE A 89 -21.02 -2.88 -5.05
N ASP A 90 -20.72 -1.97 -4.12
CA ASP A 90 -19.34 -1.75 -3.66
C ASP A 90 -19.29 -1.01 -2.32
N PRO A 91 -18.69 -1.63 -1.28
CA PRO A 91 -18.45 -1.02 0.03
C PRO A 91 -17.96 0.43 0.01
N ILE A 92 -18.74 1.32 0.63
CA ILE A 92 -18.33 2.69 0.90
C ILE A 92 -18.01 2.83 2.39
N PRO A 93 -17.04 3.68 2.76
CA PRO A 93 -16.68 3.78 4.17
C PRO A 93 -17.80 4.33 5.07
N LEU A 94 -18.07 3.65 6.18
CA LEU A 94 -18.98 4.14 7.21
C LEU A 94 -18.19 4.62 8.41
N HIS A 95 -18.63 5.72 9.01
CA HIS A 95 -18.08 6.18 10.28
C HIS A 95 -19.15 6.07 11.35
N TYR A 96 -18.84 5.49 12.49
CA TYR A 96 -19.80 5.41 13.58
C TYR A 96 -19.52 6.48 14.63
N CYS A 97 -20.58 7.21 14.99
CA CYS A 97 -20.47 8.41 15.79
C CYS A 97 -21.38 8.34 17.00
N ALA A 98 -20.96 9.02 18.07
CA ALA A 98 -21.73 9.08 19.29
C ALA A 98 -22.44 10.44 19.38
N PRO A 99 -23.69 10.45 19.89
CA PRO A 99 -24.37 11.73 20.06
C PRO A 99 -24.07 12.33 21.43
N ALA A 100 -24.22 13.64 21.57
CA ALA A 100 -24.04 14.26 22.87
C ALA A 100 -25.11 13.71 23.82
N GLY A 101 -24.76 13.40 25.06
CA GLY A 101 -23.44 13.68 25.63
C GLY A 101 -22.41 12.56 25.53
N PHE A 102 -21.14 12.96 25.41
CA PHE A 102 -19.98 12.06 25.54
C PHE A 102 -19.87 11.06 24.40
N ALA A 103 -18.63 10.77 24.00
CA ALA A 103 -18.37 10.13 22.72
C ALA A 103 -17.42 8.92 22.82
N ILE A 104 -16.34 8.94 22.05
CA ILE A 104 -15.55 7.73 21.79
C ILE A 104 -14.10 7.84 22.26
N LEU A 105 -13.70 6.95 23.15
CA LEU A 105 -12.30 6.81 23.55
C LEU A 105 -11.55 5.99 22.51
N LYS A 106 -10.34 6.43 22.17
CA LYS A 106 -9.53 5.80 21.13
C LYS A 106 -8.10 5.58 21.62
N CYS A 107 -7.61 4.36 21.43
CA CYS A 107 -6.25 4.01 21.85
C CYS A 107 -5.28 4.29 20.71
N ASN A 108 -4.09 4.77 21.05
CA ASN A 108 -3.16 5.27 20.05
C ASN A 108 -1.84 4.50 20.01
N ASN A 109 -0.94 5.01 19.17
CA ASN A 109 0.34 4.37 18.87
C ASN A 109 0.16 2.95 18.35
N LYS A 110 1.23 2.17 18.38
CA LYS A 110 1.36 1.07 17.45
C LYS A 110 0.94 -0.30 18.06
N THR A 111 1.88 -1.05 18.60
CA THR A 111 1.57 -2.39 19.13
C THR A 111 0.66 -2.38 20.36
N PHE A 112 -0.65 -2.39 20.14
CA PHE A 112 -1.63 -2.44 21.24
C PHE A 112 -2.87 -3.19 20.78
N ASN A 113 -3.05 -4.42 21.26
CA ASN A 113 -4.13 -5.27 20.79
C ASN A 113 -5.48 -4.86 21.42
N GLY A 114 -6.39 -5.81 21.55
CA GLY A 114 -7.77 -5.51 21.91
C GLY A 114 -8.13 -5.55 23.39
N THR A 115 -7.33 -6.27 24.19
CA THR A 115 -7.67 -6.49 25.59
C THR A 115 -6.73 -5.79 26.57
N GLY A 116 -7.30 -5.16 27.59
CA GLY A 116 -6.55 -4.72 28.75
C GLY A 116 -5.90 -3.35 28.66
N PRO A 117 -4.92 -3.07 29.56
CA PRO A 117 -4.17 -1.81 29.68
C PRO A 117 -3.80 -1.11 28.37
N CYS A 118 -3.69 0.23 28.44
CA CYS A 118 -3.13 1.04 27.36
C CYS A 118 -3.01 2.50 27.79
N ARG A 119 -1.89 3.13 27.42
CA ARG A 119 -1.54 4.45 27.93
C ARG A 119 -1.96 5.60 27.00
N ASN A 120 -1.28 5.75 25.86
CA ASN A 120 -1.59 6.85 24.94
C ASN A 120 -3.00 6.69 24.39
N VAL A 121 -3.89 7.57 24.82
CA VAL A 121 -5.30 7.51 24.45
C VAL A 121 -5.79 8.87 24.00
N SER A 122 -6.50 8.92 22.87
CA SER A 122 -7.16 10.14 22.42
C SER A 122 -8.67 9.99 22.56
N THR A 123 -9.38 11.11 22.48
CA THR A 123 -10.84 11.12 22.54
C THR A 123 -11.39 11.73 21.26
N VAL A 124 -12.33 11.03 20.62
CA VAL A 124 -12.89 11.45 19.36
C VAL A 124 -14.42 11.30 19.35
N GLN A 125 -15.03 11.81 18.29
CA GLN A 125 -16.49 11.82 18.15
C GLN A 125 -16.94 10.71 17.20
N CYS A 126 -16.34 10.65 16.02
CA CYS A 126 -16.57 9.56 15.08
C CYS A 126 -15.32 8.70 14.93
N THR A 127 -15.43 7.63 14.15
CA THR A 127 -14.31 6.70 13.94
C THR A 127 -13.82 6.78 12.49
N HIS A 128 -12.73 6.07 12.21
CA HIS A 128 -12.11 6.09 10.88
C HIS A 128 -13.02 5.45 9.84
N GLY A 129 -12.64 5.56 8.57
CA GLY A 129 -13.43 5.03 7.48
C GLY A 129 -13.40 3.51 7.43
N ILE A 130 -14.57 2.89 7.48
CA ILE A 130 -14.68 1.43 7.52
C ILE A 130 -15.59 0.90 6.40
N LYS A 131 -15.01 0.05 5.54
CA LYS A 131 -15.79 -0.67 4.56
C LYS A 131 -16.47 -1.86 5.26
N PRO A 132 -17.77 -2.06 5.03
CA PRO A 132 -18.44 -3.21 5.63
C PRO A 132 -18.23 -4.49 4.81
N VAL A 133 -16.97 -4.81 4.52
CA VAL A 133 -16.66 -5.99 3.71
C VAL A 133 -17.02 -7.28 4.44
N VAL A 134 -17.97 -8.01 3.87
CA VAL A 134 -18.39 -9.30 4.40
C VAL A 134 -17.55 -10.40 3.77
N SER A 135 -16.79 -11.12 4.59
CA SER A 135 -15.90 -12.17 4.08
C SER A 135 -15.52 -13.16 5.17
N THR A 136 -15.02 -14.32 4.76
CA THR A 136 -14.49 -15.32 5.68
C THR A 136 -13.01 -15.54 5.41
N GLN A 137 -12.34 -16.23 6.33
CA GLN A 137 -10.92 -16.54 6.19
C GLN A 137 -10.04 -15.29 6.05
N LEU A 138 -10.21 -14.55 4.95
CA LEU A 138 -9.40 -13.37 4.69
C LEU A 138 -10.18 -12.06 4.89
N LEU A 139 -9.50 -11.06 5.44
CA LEU A 139 -10.06 -9.71 5.60
C LEU A 139 -9.63 -8.82 4.44
N LEU A 140 -10.58 -8.09 3.86
CA LEU A 140 -10.32 -7.32 2.64
C LEU A 140 -10.63 -5.83 2.77
N ASN A 141 -9.86 -5.02 2.04
CA ASN A 141 -10.05 -3.57 1.99
C ASN A 141 -10.05 -2.92 3.37
N GLY A 142 -9.32 -3.53 4.30
CA GLY A 142 -9.27 -3.03 5.67
C GLY A 142 -8.07 -2.14 5.92
N SER A 143 -7.86 -1.81 7.19
CA SER A 143 -6.72 -0.98 7.59
C SER A 143 -5.48 -1.85 7.76
N LEU A 144 -4.36 -1.20 8.07
CA LEU A 144 -3.10 -1.88 8.34
C LEU A 144 -2.55 -1.43 9.68
N ALA A 145 -1.54 -2.14 10.17
CA ALA A 145 -0.75 -1.65 11.29
C ALA A 145 0.35 -0.77 10.71
N GLU A 146 0.76 0.26 11.45
CA GLU A 146 1.82 1.14 10.97
C GLU A 146 3.20 0.61 11.38
N GLU A 147 3.22 -0.52 12.07
CA GLU A 147 4.47 -1.21 12.44
C GLU A 147 4.40 -2.67 12.06
N GLU A 148 4.38 -3.55 13.06
CA GLU A 148 4.59 -4.97 12.86
C GLU A 148 3.28 -5.71 12.96
N ILE A 149 3.23 -6.90 12.38
CA ILE A 149 2.03 -7.73 12.42
C ILE A 149 1.69 -8.03 13.87
N ILE A 150 0.39 -7.99 14.21
CA ILE A 150 0.00 -8.30 15.59
C ILE A 150 -1.15 -9.30 15.65
N ILE A 151 -1.17 -10.07 16.73
CA ILE A 151 -2.09 -11.17 16.91
C ILE A 151 -3.19 -10.78 17.90
N ARG A 152 -4.45 -11.04 17.53
CA ARG A 152 -5.59 -10.75 18.39
C ARG A 152 -6.42 -11.99 18.68
N SER A 153 -6.80 -12.15 19.94
CA SER A 153 -7.66 -13.23 20.35
C SER A 153 -8.21 -12.95 21.74
N GLU A 154 -9.44 -13.38 22.00
CA GLU A 154 -9.98 -13.31 23.35
C GLU A 154 -9.15 -14.21 24.26
N ASN A 155 -8.57 -15.24 23.66
CA ASN A 155 -7.68 -16.15 24.37
C ASN A 155 -6.93 -17.08 23.42
N LEU A 156 -5.62 -16.88 23.31
CA LEU A 156 -4.77 -17.73 22.46
C LEU A 156 -4.59 -19.12 23.06
N THR A 157 -4.77 -19.22 24.38
CA THR A 157 -4.68 -20.52 25.06
C THR A 157 -6.00 -21.28 24.93
N ASN A 158 -6.89 -20.75 24.08
CA ASN A 158 -8.17 -21.38 23.78
C ASN A 158 -8.25 -21.73 22.30
N ASN A 159 -8.25 -23.03 22.00
CA ASN A 159 -8.25 -23.48 20.61
C ASN A 159 -9.58 -23.18 19.89
N ALA A 160 -10.59 -22.77 20.65
CA ALA A 160 -11.93 -22.57 20.12
C ALA A 160 -12.17 -21.12 19.67
N LYS A 161 -11.44 -20.18 20.26
CA LYS A 161 -11.71 -18.76 20.05
C LYS A 161 -10.91 -18.18 18.88
N THR A 162 -11.63 -17.56 17.95
CA THR A 162 -11.06 -17.01 16.73
C THR A 162 -9.86 -16.11 16.98
N ILE A 163 -8.81 -16.33 16.20
CA ILE A 163 -7.61 -15.48 16.23
C ILE A 163 -7.64 -14.52 15.06
N ILE A 164 -7.76 -13.22 15.36
CA ILE A 164 -7.70 -12.20 14.31
C ILE A 164 -6.26 -11.71 14.19
N VAL A 165 -5.65 -12.00 13.04
CA VAL A 165 -4.27 -11.58 12.77
C VAL A 165 -4.27 -10.31 11.94
N HIS A 166 -3.74 -9.24 12.53
CA HIS A 166 -3.71 -7.93 11.89
C HIS A 166 -2.36 -7.68 11.23
N LEU A 167 -2.39 -7.57 9.91
CA LEU A 167 -1.19 -7.37 9.09
C LEU A 167 -0.85 -5.89 8.96
N ASN A 168 0.23 -5.62 8.23
CA ASN A 168 0.70 -4.25 8.04
C ASN A 168 1.21 -4.01 6.62
N GLU A 169 1.48 -5.10 5.90
CA GLU A 169 1.80 -5.05 4.48
C GLU A 169 0.77 -5.88 3.74
N SER A 170 -0.18 -5.21 3.10
CA SER A 170 -1.32 -5.88 2.48
C SER A 170 -0.88 -6.76 1.31
N VAL A 171 -1.61 -7.86 1.11
CA VAL A 171 -1.33 -8.79 0.01
C VAL A 171 -2.39 -8.64 -1.08
N ASN A 172 -1.95 -8.29 -2.28
CA ASN A 172 -2.86 -8.12 -3.40
C ASN A 172 -3.50 -9.45 -3.79
N ILE A 173 -4.82 -9.46 -3.95
CA ILE A 173 -5.52 -10.63 -4.45
C ILE A 173 -6.46 -10.22 -5.58
N VAL A 174 -6.40 -10.94 -6.69
CA VAL A 174 -7.24 -10.61 -7.84
C VAL A 174 -8.17 -11.76 -8.24
N CYS A 175 -9.47 -11.53 -8.17
CA CYS A 175 -10.45 -12.57 -8.47
C CYS A 175 -11.14 -12.28 -9.79
N THR A 176 -11.33 -13.34 -10.60
CA THR A 176 -11.87 -13.20 -11.94
C THR A 176 -12.81 -14.33 -12.34
N ARG A 177 -13.96 -13.96 -12.90
CA ARG A 177 -14.75 -14.85 -13.73
C ARG A 177 -14.65 -14.33 -15.17
N PRO A 178 -13.89 -15.03 -16.03
CA PRO A 178 -13.63 -14.57 -17.40
C PRO A 178 -14.88 -14.55 -18.30
N ASN A 179 -14.66 -14.35 -19.59
CA ASN A 179 -15.74 -14.14 -20.55
C ASN A 179 -16.04 -15.40 -21.36
N ASN A 188 -19.37 -23.15 -19.01
CA ASN A 188 -19.13 -23.11 -17.57
C ASN A 188 -18.87 -21.67 -17.10
N ILE A 189 -19.92 -21.02 -16.62
CA ILE A 189 -19.84 -19.60 -16.25
C ILE A 189 -20.07 -19.35 -14.76
N ARG A 190 -19.83 -20.38 -13.94
CA ARG A 190 -19.67 -20.18 -12.51
C ARG A 190 -18.30 -20.73 -12.12
N GLN A 191 -17.45 -20.94 -13.13
CA GLN A 191 -16.05 -21.26 -12.93
C GLN A 191 -15.24 -19.97 -12.89
N ALA A 192 -14.60 -19.70 -11.76
CA ALA A 192 -13.81 -18.48 -11.58
C ALA A 192 -12.46 -18.84 -10.96
N HIS A 193 -11.58 -17.85 -10.81
CA HIS A 193 -10.30 -18.10 -10.16
C HIS A 193 -9.68 -16.84 -9.57
N CYS A 194 -8.78 -17.03 -8.59
CA CYS A 194 -8.11 -15.92 -7.92
C CYS A 194 -6.58 -16.01 -7.97
N ASN A 195 -5.92 -14.90 -8.29
CA ASN A 195 -4.46 -14.83 -8.32
C ASN A 195 -3.89 -14.15 -7.08
N ILE A 196 -2.85 -14.77 -6.52
CA ILE A 196 -2.08 -14.22 -5.40
C ILE A 196 -0.58 -14.43 -5.57
N ASN A 197 0.19 -13.35 -5.71
CA ASN A 197 1.64 -13.45 -5.81
C ASN A 197 2.26 -14.27 -4.67
N GLU A 198 3.07 -15.25 -5.03
CA GLU A 198 3.53 -16.28 -4.08
C GLU A 198 4.56 -15.78 -3.06
N SER A 199 5.44 -14.87 -3.49
CA SER A 199 6.52 -14.42 -2.63
C SER A 199 5.98 -13.59 -1.47
N LYS A 200 5.13 -12.62 -1.78
CA LYS A 200 4.46 -11.82 -0.76
C LYS A 200 3.77 -12.73 0.26
N TRP A 201 3.20 -13.82 -0.24
CA TRP A 201 2.48 -14.77 0.61
C TRP A 201 3.42 -15.54 1.54
N ASN A 202 4.39 -16.22 0.94
CA ASN A 202 5.41 -16.94 1.72
C ASN A 202 6.03 -16.02 2.78
N ASN A 203 6.35 -14.80 2.35
CA ASN A 203 6.85 -13.74 3.23
C ASN A 203 5.87 -13.41 4.37
N THR A 204 4.61 -13.21 4.01
CA THR A 204 3.57 -12.93 4.99
C THR A 204 3.47 -14.05 6.04
N LEU A 205 3.25 -15.28 5.58
CA LEU A 205 3.13 -16.41 6.49
C LEU A 205 4.42 -16.65 7.26
N GLN A 206 5.55 -16.27 6.65
CA GLN A 206 6.83 -16.28 7.35
C GLN A 206 6.74 -15.39 8.59
N LYS A 207 6.48 -14.10 8.38
CA LYS A 207 6.36 -13.14 9.50
C LYS A 207 5.31 -13.57 10.54
N VAL A 208 4.11 -13.87 10.05
CA VAL A 208 3.01 -14.26 10.92
C VAL A 208 3.40 -15.50 11.72
N GLY A 209 4.05 -16.44 11.06
CA GLY A 209 4.60 -17.61 11.72
C GLY A 209 5.59 -17.23 12.81
N GLU A 210 6.49 -16.31 12.48
CA GLU A 210 7.47 -15.83 13.44
C GLU A 210 6.80 -15.31 14.71
N GLU A 211 5.83 -14.41 14.54
CA GLU A 211 5.17 -13.85 15.72
C GLU A 211 4.20 -14.84 16.39
N LEU A 212 3.71 -15.81 15.63
CA LEU A 212 2.93 -16.90 16.23
C LEU A 212 3.84 -17.73 17.14
N ALA A 213 5.07 -17.95 16.71
CA ALA A 213 6.06 -18.67 17.51
C ALA A 213 6.38 -17.95 18.81
N LYS A 214 6.21 -16.63 18.82
CA LYS A 214 6.49 -15.83 20.01
C LYS A 214 5.37 -16.01 21.05
N HIS A 215 4.27 -16.64 20.64
CA HIS A 215 3.17 -16.93 21.57
C HIS A 215 3.04 -18.44 21.82
N PHE A 216 3.82 -19.23 21.09
CA PHE A 216 3.85 -20.67 21.30
C PHE A 216 5.30 -21.19 21.22
N PRO A 217 6.08 -20.99 22.30
CA PRO A 217 7.53 -21.21 22.42
C PRO A 217 8.19 -22.16 21.39
N SER A 218 8.60 -23.36 21.79
CA SER A 218 9.33 -24.27 20.92
C SER A 218 8.43 -25.34 20.33
N LYS A 219 7.47 -24.92 19.52
CA LYS A 219 6.61 -25.84 18.79
C LYS A 219 6.73 -25.55 17.30
N THR A 220 6.67 -26.59 16.47
CA THR A 220 6.67 -26.40 15.02
C THR A 220 5.32 -25.81 14.68
N ILE A 221 5.26 -24.86 13.73
CA ILE A 221 4.00 -24.19 13.45
C ILE A 221 3.52 -24.58 12.07
N LYS A 222 2.38 -25.26 12.03
CA LYS A 222 1.84 -25.74 10.76
C LYS A 222 0.60 -24.96 10.34
N PHE A 223 0.66 -24.43 9.13
CA PHE A 223 -0.50 -23.83 8.49
C PHE A 223 -1.12 -24.90 7.62
N GLU A 224 -2.40 -25.18 7.87
CA GLU A 224 -3.12 -26.28 7.21
C GLU A 224 -4.58 -25.86 7.01
N PRO A 225 -5.21 -26.29 5.89
CA PRO A 225 -6.60 -25.88 5.60
C PRO A 225 -7.62 -26.16 6.71
N SER A 226 -8.81 -25.59 6.56
CA SER A 226 -9.89 -25.77 7.53
C SER A 226 -10.36 -27.22 7.56
N SER A 227 -10.72 -27.68 8.76
CA SER A 227 -11.11 -29.07 8.98
C SER A 227 -12.29 -29.49 8.11
N GLY A 228 -13.28 -28.60 8.01
CA GLY A 228 -14.48 -28.90 7.26
C GLY A 228 -15.65 -28.10 7.79
N GLY A 229 -16.80 -28.23 7.13
CA GLY A 229 -18.00 -27.51 7.50
C GLY A 229 -18.68 -26.95 6.26
N ASP A 230 -19.37 -25.82 6.42
CA ASP A 230 -20.05 -25.19 5.29
C ASP A 230 -19.06 -24.52 4.35
N LEU A 231 -19.39 -24.48 3.06
CA LEU A 231 -18.49 -23.91 2.06
C LEU A 231 -18.19 -22.45 2.32
N GLU A 232 -19.01 -21.81 3.13
CA GLU A 232 -18.82 -20.40 3.45
C GLU A 232 -17.58 -20.21 4.34
N ILE A 233 -17.36 -21.15 5.26
CA ILE A 233 -16.25 -21.04 6.21
C ILE A 233 -15.03 -21.85 5.78
N THR A 234 -15.24 -22.90 4.99
CA THR A 234 -14.15 -23.78 4.58
C THR A 234 -13.46 -23.28 3.31
N THR A 235 -13.95 -22.16 2.78
CA THR A 235 -13.31 -21.49 1.66
C THR A 235 -13.31 -19.99 1.92
N HIS A 236 -12.57 -19.24 1.12
CA HIS A 236 -12.63 -17.79 1.19
C HIS A 236 -13.86 -17.33 0.40
N SER A 237 -14.95 -17.09 1.12
CA SER A 237 -16.21 -16.68 0.50
C SER A 237 -16.42 -15.19 0.66
N PHE A 238 -16.85 -14.53 -0.40
CA PHE A 238 -17.04 -13.09 -0.36
C PHE A 238 -17.96 -12.62 -1.49
N ASN A 239 -18.43 -11.38 -1.37
CA ASN A 239 -19.30 -10.79 -2.39
C ASN A 239 -18.50 -9.85 -3.29
N CYS A 240 -18.79 -9.93 -4.59
CA CYS A 240 -18.09 -9.13 -5.59
C CYS A 240 -19.04 -8.75 -6.71
N ARG A 241 -19.28 -7.45 -6.86
CA ARG A 241 -20.20 -6.93 -7.86
C ARG A 241 -21.56 -7.63 -7.77
N GLY A 242 -21.95 -8.00 -6.55
CA GLY A 242 -23.22 -8.65 -6.32
C GLY A 242 -23.12 -10.17 -6.30
N GLU A 243 -22.09 -10.71 -6.95
CA GLU A 243 -21.96 -12.16 -7.08
C GLU A 243 -21.21 -12.75 -5.89
N PHE A 244 -21.66 -13.92 -5.45
CA PHE A 244 -21.07 -14.60 -4.29
C PHE A 244 -19.97 -15.56 -4.72
N PHE A 245 -18.73 -15.17 -4.46
CA PHE A 245 -17.57 -15.98 -4.81
C PHE A 245 -17.16 -16.89 -3.66
N TYR A 246 -17.05 -18.19 -3.94
CA TYR A 246 -16.45 -19.16 -3.01
C TYR A 246 -15.09 -19.59 -3.55
N CYS A 247 -14.02 -19.16 -2.90
CA CYS A 247 -12.66 -19.40 -3.40
C CYS A 247 -11.85 -20.39 -2.57
N ASN A 248 -11.34 -21.41 -3.25
CA ASN A 248 -10.49 -22.45 -2.67
C ASN A 248 -9.25 -21.87 -1.98
N THR A 249 -8.81 -22.49 -0.89
CA THR A 249 -7.60 -22.07 -0.19
C THR A 249 -6.83 -23.26 0.38
N SER A 250 -6.84 -24.38 -0.34
CA SER A 250 -6.07 -25.55 0.06
C SER A 250 -4.59 -25.28 -0.14
N ASP A 251 -4.24 -24.74 -1.30
CA ASP A 251 -2.85 -24.39 -1.62
C ASP A 251 -2.58 -22.92 -1.33
N LEU A 252 -3.07 -22.45 -0.19
CA LEU A 252 -2.77 -21.12 0.32
C LEU A 252 -2.49 -21.23 1.81
N PHE A 253 -3.43 -21.84 2.53
CA PHE A 253 -3.25 -22.11 3.95
C PHE A 253 -2.66 -23.50 4.19
N ASN A 254 -1.70 -23.88 3.36
CA ASN A 254 -0.79 -24.96 3.71
C ASN A 254 0.64 -24.48 3.64
N GLY A 255 1.36 -24.65 4.74
CA GLY A 255 2.77 -24.32 4.77
C GLY A 255 3.39 -24.61 6.11
N THR A 256 4.71 -24.81 6.13
CA THR A 256 5.37 -25.26 7.36
C THR A 256 6.32 -24.22 7.90
N TYR A 257 6.20 -23.97 9.21
CA TYR A 257 7.14 -23.13 9.93
C TYR A 257 8.01 -24.02 10.82
N ARG A 258 9.28 -24.07 10.42
CA ARG A 258 10.26 -25.07 10.82
C ARG A 258 11.59 -24.38 11.13
N ASN A 259 12.32 -24.84 12.14
CA ASN A 259 13.72 -24.41 12.31
C ASN A 259 13.91 -22.91 12.64
N GLY A 260 12.88 -22.09 12.41
CA GLY A 260 12.99 -20.65 12.54
C GLY A 260 12.60 -19.94 11.25
N THR A 261 12.41 -20.73 10.19
CA THR A 261 12.00 -20.24 8.88
C THR A 261 10.72 -20.92 8.39
N TYR A 262 9.98 -20.24 7.53
CA TYR A 262 8.76 -20.81 6.94
C TYR A 262 8.99 -21.15 5.48
N ASN A 263 8.52 -22.33 5.08
CA ASN A 263 8.50 -22.68 3.66
C ASN A 263 7.13 -23.22 3.26
N HIS A 264 6.71 -22.81 2.07
CA HIS A 264 5.37 -23.05 1.57
C HIS A 264 5.26 -24.43 0.92
N THR A 265 4.04 -24.97 0.89
CA THR A 265 3.77 -26.25 0.26
C THR A 265 2.46 -26.16 -0.53
N GLY A 266 2.42 -25.21 -1.46
CA GLY A 266 1.27 -24.97 -2.30
C GLY A 266 1.70 -24.77 -3.73
N ARG A 267 1.04 -25.45 -4.65
CA ARG A 267 1.45 -25.47 -6.06
C ARG A 267 1.45 -24.07 -6.66
N SER A 268 2.64 -23.60 -7.04
CA SER A 268 2.79 -22.32 -7.73
C SER A 268 3.24 -22.58 -9.17
N SER A 269 3.38 -21.51 -9.95
CA SER A 269 3.83 -21.64 -11.32
C SER A 269 4.28 -20.28 -11.89
N ASN A 270 5.60 -20.11 -11.95
CA ASN A 270 6.21 -18.91 -12.53
C ASN A 270 5.74 -17.61 -11.85
N GLY A 271 5.41 -17.68 -10.56
CA GLY A 271 5.13 -16.49 -9.77
C GLY A 271 3.89 -16.55 -8.91
N THR A 272 2.72 -16.56 -9.53
CA THR A 272 1.47 -16.39 -8.82
C THR A 272 0.75 -17.69 -8.50
N ILE A 273 0.10 -17.71 -7.34
CA ILE A 273 -0.75 -18.82 -6.91
C ILE A 273 -2.16 -18.61 -7.44
N THR A 274 -2.76 -19.68 -7.94
CA THR A 274 -4.12 -19.64 -8.49
C THR A 274 -5.09 -20.45 -7.64
N LEU A 275 -6.17 -19.81 -7.23
CA LEU A 275 -7.21 -20.47 -6.44
C LEU A 275 -8.45 -20.69 -7.29
N GLN A 276 -9.00 -21.89 -7.21
CA GLN A 276 -10.23 -22.24 -7.94
C GLN A 276 -11.45 -21.69 -7.23
N CYS A 277 -12.26 -20.93 -7.95
CA CYS A 277 -13.44 -20.28 -7.36
C CYS A 277 -14.72 -20.73 -8.02
N LYS A 278 -15.77 -20.87 -7.22
CA LYS A 278 -17.11 -21.15 -7.72
C LYS A 278 -18.08 -20.04 -7.31
N ILE A 279 -18.77 -19.47 -8.30
CA ILE A 279 -19.87 -18.56 -8.03
C ILE A 279 -21.11 -19.38 -7.72
N LYS A 280 -21.78 -19.06 -6.63
CA LYS A 280 -22.99 -19.78 -6.22
C LYS A 280 -24.16 -18.83 -6.00
N GLN A 281 -25.37 -19.41 -6.03
CA GLN A 281 -26.58 -18.66 -5.79
C GLN A 281 -27.23 -19.11 -4.49
N ILE A 282 -27.03 -20.38 -4.10
CA ILE A 282 -27.48 -20.82 -2.78
C ILE A 282 -26.42 -20.50 -1.74
N ILE A 283 -26.76 -19.63 -0.81
CA ILE A 283 -25.85 -19.20 0.25
C ILE A 283 -26.47 -19.41 1.61
N ASN A 284 -25.64 -19.84 2.57
CA ASN A 284 -26.05 -19.84 3.97
C ASN A 284 -25.78 -18.45 4.53
N MET A 285 -26.85 -17.70 4.80
CA MET A 285 -26.75 -16.30 5.16
C MET A 285 -25.88 -16.09 6.40
N TRP A 286 -25.11 -15.02 6.44
CA TRP A 286 -24.33 -14.70 7.62
C TRP A 286 -25.18 -13.95 8.65
N GLN A 287 -26.31 -13.41 8.19
CA GLN A 287 -27.17 -12.54 9.01
C GLN A 287 -27.94 -13.35 10.05
N GLU A 288 -28.45 -14.49 9.62
CA GLU A 288 -29.24 -15.38 10.48
C GLU A 288 -28.96 -16.82 10.09
N VAL A 289 -29.74 -17.75 10.64
CA VAL A 289 -29.47 -19.17 10.43
C VAL A 289 -30.40 -19.78 9.38
N GLY A 290 -30.54 -19.08 8.26
CA GLY A 290 -31.32 -19.55 7.13
C GLY A 290 -30.45 -19.61 5.88
N ARG A 291 -31.07 -19.68 4.71
CA ARG A 291 -30.32 -19.74 3.45
C ARG A 291 -31.05 -19.02 2.32
N ALA A 292 -30.28 -18.34 1.49
CA ALA A 292 -30.81 -17.48 0.43
C ALA A 292 -30.44 -18.00 -0.96
N ILE A 293 -31.33 -17.78 -1.92
CA ILE A 293 -31.09 -18.17 -3.32
C ILE A 293 -31.26 -16.96 -4.23
N TYR A 294 -30.20 -16.68 -4.99
CA TYR A 294 -30.16 -15.57 -5.94
C TYR A 294 -30.25 -16.07 -7.37
N ALA A 295 -30.26 -15.14 -8.32
CA ALA A 295 -30.31 -15.47 -9.74
C ALA A 295 -28.92 -15.79 -10.26
N PRO A 296 -28.83 -16.47 -11.41
CA PRO A 296 -27.53 -16.76 -12.04
C PRO A 296 -26.70 -15.48 -12.23
N PRO A 297 -25.37 -15.60 -12.21
CA PRO A 297 -24.50 -14.41 -12.23
C PRO A 297 -24.61 -13.59 -13.51
N ILE A 298 -24.31 -12.30 -13.41
CA ILE A 298 -24.29 -11.41 -14.56
C ILE A 298 -23.32 -11.92 -15.63
N GLU A 299 -23.54 -11.52 -16.87
CA GLU A 299 -22.68 -11.96 -17.97
C GLU A 299 -21.57 -10.95 -18.21
N GLY A 300 -20.42 -11.44 -18.70
CA GLY A 300 -19.26 -10.60 -18.94
C GLY A 300 -18.19 -10.83 -17.90
N GLU A 301 -17.10 -10.08 -17.99
CA GLU A 301 -16.00 -10.19 -17.05
C GLU A 301 -16.43 -9.78 -15.64
N ILE A 302 -16.35 -10.71 -14.70
CA ILE A 302 -16.66 -10.40 -13.30
C ILE A 302 -15.39 -10.42 -12.47
N THR A 303 -14.84 -9.25 -12.19
CA THR A 303 -13.52 -9.15 -11.57
C THR A 303 -13.50 -8.29 -10.31
N CYS A 304 -12.69 -8.69 -9.35
CA CYS A 304 -12.46 -7.91 -8.14
C CYS A 304 -10.98 -7.84 -7.80
N ASN A 305 -10.47 -6.61 -7.71
CA ASN A 305 -9.09 -6.36 -7.30
C ASN A 305 -9.08 -5.94 -5.83
N SER A 306 -8.72 -6.87 -4.94
CA SER A 306 -8.90 -6.65 -3.51
C SER A 306 -7.58 -6.73 -2.73
N ASN A 307 -7.58 -6.09 -1.56
CA ASN A 307 -6.41 -6.05 -0.69
C ASN A 307 -6.57 -6.93 0.55
N ILE A 308 -5.80 -8.01 0.62
CA ILE A 308 -5.75 -8.82 1.85
C ILE A 308 -5.04 -8.04 2.94
N THR A 309 -5.77 -7.76 4.03
CA THR A 309 -5.26 -6.92 5.12
C THR A 309 -5.26 -7.61 6.48
N GLY A 310 -5.82 -8.82 6.55
CA GLY A 310 -5.88 -9.53 7.82
C GLY A 310 -6.22 -11.00 7.66
N LEU A 311 -6.06 -11.77 8.74
CA LEU A 311 -6.41 -13.19 8.72
C LEU A 311 -7.33 -13.58 9.88
N LEU A 312 -8.16 -14.59 9.62
CA LEU A 312 -9.01 -15.21 10.64
C LEU A 312 -8.56 -16.66 10.83
N LEU A 313 -7.98 -16.95 11.99
CA LEU A 313 -7.39 -18.26 12.24
C LEU A 313 -8.05 -19.02 13.39
N LEU A 314 -7.88 -20.33 13.37
CA LEU A 314 -8.44 -21.23 14.38
C LEU A 314 -7.41 -22.31 14.69
N ARG A 315 -7.05 -22.44 15.96
CA ARG A 315 -6.02 -23.39 16.36
C ARG A 315 -6.62 -24.74 16.75
N ASP A 316 -5.84 -25.81 16.61
CA ASP A 316 -6.26 -27.14 17.03
C ASP A 316 -5.72 -27.48 18.42
N ASP A 323 3.92 -32.05 19.50
CA ASP A 323 5.03 -31.12 19.38
C ASP A 323 4.85 -30.19 18.18
N THR A 324 3.60 -29.96 17.80
CA THR A 324 3.27 -29.07 16.70
C THR A 324 1.98 -28.33 16.99
N GLU A 325 1.91 -27.06 16.59
CA GLU A 325 0.66 -26.30 16.69
C GLU A 325 0.12 -26.04 15.28
N THR A 326 -1.12 -26.46 15.06
CA THR A 326 -1.76 -26.35 13.76
C THR A 326 -2.74 -25.19 13.72
N PHE A 327 -2.71 -24.42 12.63
CA PHE A 327 -3.61 -23.29 12.46
C PHE A 327 -4.39 -23.38 11.15
N ARG A 328 -5.70 -23.18 11.26
CA ARG A 328 -6.60 -23.29 10.11
C ARG A 328 -7.44 -22.03 9.95
N PRO A 329 -7.74 -21.64 8.70
CA PRO A 329 -8.52 -20.40 8.50
C PRO A 329 -9.94 -20.50 9.05
N GLY A 330 -10.39 -19.47 9.77
CA GLY A 330 -11.71 -19.43 10.36
C GLY A 330 -12.61 -18.45 9.63
N GLY A 331 -13.59 -17.90 10.35
CA GLY A 331 -14.54 -16.96 9.77
C GLY A 331 -15.94 -17.19 10.28
N GLY A 332 -16.90 -17.20 9.37
CA GLY A 332 -18.29 -17.40 9.75
C GLY A 332 -18.94 -16.19 10.40
N ASP A 333 -18.37 -15.76 11.53
CA ASP A 333 -18.91 -14.65 12.30
C ASP A 333 -18.38 -13.31 11.78
N MET A 334 -19.28 -12.48 11.27
CA MET A 334 -18.91 -11.18 10.69
C MET A 334 -18.69 -10.13 11.78
N ARG A 335 -19.23 -10.39 12.96
CA ARG A 335 -18.99 -9.52 14.10
C ARG A 335 -17.48 -9.42 14.34
N ASP A 336 -16.77 -10.52 14.11
CA ASP A 336 -15.31 -10.52 14.15
C ASP A 336 -14.73 -9.58 13.09
N ASN A 337 -15.27 -9.67 11.88
CA ASN A 337 -14.84 -8.81 10.78
C ASN A 337 -14.99 -7.34 11.15
N TRP A 338 -16.07 -7.01 11.84
CA TRP A 338 -16.25 -5.65 12.36
C TRP A 338 -15.29 -5.36 13.53
N ARG A 339 -15.08 -6.37 14.38
CA ARG A 339 -14.17 -6.23 15.51
C ARG A 339 -12.75 -5.95 15.05
N SER A 340 -12.36 -6.53 13.92
CA SER A 340 -11.01 -6.36 13.38
C SER A 340 -10.58 -4.90 13.28
N GLU A 341 -11.55 -3.99 13.17
CA GLU A 341 -11.25 -2.55 13.08
C GLU A 341 -11.95 -1.73 14.18
N LEU A 342 -13.00 -2.25 14.78
CA LEU A 342 -13.63 -1.56 15.90
C LEU A 342 -12.99 -1.90 17.26
N TYR A 343 -11.79 -2.45 17.23
CA TYR A 343 -11.08 -2.82 18.47
C TYR A 343 -10.55 -1.57 19.18
N LYS A 344 -10.05 -0.61 18.40
CA LYS A 344 -9.39 0.59 18.92
C LYS A 344 -10.20 1.32 19.97
N TYR A 345 -11.51 1.38 19.77
CA TYR A 345 -12.33 2.36 20.46
C TYR A 345 -13.07 1.81 21.68
N LYS A 346 -13.64 2.73 22.46
CA LYS A 346 -14.48 2.37 23.59
C LYS A 346 -15.36 3.56 23.99
N VAL A 347 -16.67 3.33 24.11
CA VAL A 347 -17.59 4.43 24.42
C VAL A 347 -17.52 4.79 25.91
N VAL A 348 -17.57 6.08 26.23
CA VAL A 348 -17.38 6.54 27.62
C VAL A 348 -18.36 7.64 28.01
N GLU A 349 -18.44 7.96 29.30
CA GLU A 349 -19.08 9.21 29.71
C GLU A 349 -18.02 10.30 29.78
N LYS B 1 4.33 11.18 -30.63
CA LYS B 1 3.62 12.23 -29.91
C LYS B 1 2.15 11.92 -29.75
N THR B 2 1.68 11.98 -28.50
CA THR B 2 0.26 12.02 -28.21
C THR B 2 0.05 12.67 -26.84
N THR B 3 -1.21 12.81 -26.44
CA THR B 3 -1.54 13.37 -25.15
C THR B 3 -2.06 12.26 -24.23
N LEU B 4 -1.16 11.67 -23.45
CA LEU B 4 -1.52 10.57 -22.55
C LEU B 4 -2.53 11.02 -21.51
N PHE B 5 -3.13 10.06 -20.82
CA PHE B 5 -4.01 10.37 -19.69
C PHE B 5 -3.73 9.42 -18.53
N CYS B 6 -3.88 9.94 -17.32
CA CYS B 6 -3.52 9.19 -16.12
C CYS B 6 -4.67 8.34 -15.61
N ALA B 7 -4.33 7.27 -14.88
CA ALA B 7 -5.33 6.38 -14.30
C ALA B 7 -4.87 5.92 -12.91
N SER B 8 -5.80 5.86 -11.96
CA SER B 8 -5.43 5.52 -10.58
C SER B 8 -6.59 4.92 -9.79
N ASP B 9 -6.26 4.36 -8.63
CA ASP B 9 -7.26 3.86 -7.68
C ASP B 9 -7.58 4.94 -6.66
N ALA B 10 -7.67 6.18 -7.11
CA ALA B 10 -7.93 7.32 -6.23
C ALA B 10 -9.33 7.24 -5.63
N LYS B 11 -9.42 7.46 -4.32
CA LYS B 11 -10.69 7.43 -3.62
C LYS B 11 -11.30 8.83 -3.55
N ALA B 12 -12.57 8.94 -3.94
CA ALA B 12 -13.26 10.24 -3.95
C ALA B 12 -13.54 10.74 -2.53
N TYR B 13 -13.60 9.82 -1.58
CA TYR B 13 -13.87 10.16 -0.19
C TYR B 13 -12.58 10.50 0.55
N GLU B 14 -11.44 10.20 -0.06
CA GLU B 14 -10.13 10.46 0.52
C GLU B 14 -9.75 11.94 0.37
N LYS B 15 -9.28 12.55 1.45
CA LYS B 15 -8.90 13.96 1.46
C LYS B 15 -7.39 14.12 1.32
N GLU B 16 -6.68 13.01 1.26
CA GLU B 16 -5.27 13.01 0.89
C GLU B 16 -5.14 13.61 -0.51
N VAL B 17 -4.22 14.55 -0.66
CA VAL B 17 -4.17 15.42 -1.83
C VAL B 17 -3.93 14.70 -3.17
N HIS B 18 -3.12 13.64 -3.18
CA HIS B 18 -2.90 12.87 -4.40
C HIS B 18 -4.23 12.30 -4.88
N ASN B 19 -5.03 11.80 -3.95
CA ASN B 19 -6.37 11.29 -4.27
C ASN B 19 -7.27 12.42 -4.77
N VAL B 20 -7.28 13.53 -4.05
CA VAL B 20 -8.08 14.70 -4.44
C VAL B 20 -7.77 15.13 -5.86
N TRP B 21 -6.49 15.24 -6.18
CA TRP B 21 -6.05 15.64 -7.52
C TRP B 21 -6.39 14.57 -8.55
N ALA B 22 -6.01 13.32 -8.25
CA ALA B 22 -6.17 12.21 -9.19
C ALA B 22 -7.63 11.96 -9.52
N THR B 23 -8.51 12.15 -8.53
CA THR B 23 -9.95 11.92 -8.74
C THR B 23 -10.51 12.85 -9.81
N HIS B 24 -9.98 14.07 -9.88
CA HIS B 24 -10.45 15.05 -10.85
C HIS B 24 -9.51 15.16 -12.05
N ALA B 25 -8.29 14.66 -11.92
CA ALA B 25 -7.33 14.76 -13.02
C ALA B 25 -7.17 13.44 -13.78
N CYS B 26 -7.57 12.32 -13.17
CA CYS B 26 -7.37 11.00 -13.76
C CYS B 26 -8.64 10.18 -13.90
N VAL B 27 -8.48 9.00 -14.48
CA VAL B 27 -9.58 8.08 -14.75
C VAL B 27 -9.43 6.83 -13.87
N PRO B 28 -10.55 6.19 -13.50
CA PRO B 28 -10.41 4.92 -12.77
C PRO B 28 -9.62 3.86 -13.55
N THR B 29 -8.66 3.23 -12.88
CA THR B 29 -7.88 2.15 -13.48
C THR B 29 -8.78 0.99 -13.89
N ASP B 30 -8.27 0.11 -14.75
CA ASP B 30 -8.95 -1.12 -15.12
C ASP B 30 -8.50 -2.21 -14.14
N PRO B 31 -9.44 -2.81 -13.37
CA PRO B 31 -9.13 -3.84 -12.37
C PRO B 31 -8.13 -4.90 -12.85
N ASN B 32 -8.13 -5.19 -14.14
CA ASN B 32 -7.26 -6.22 -14.70
C ASN B 32 -6.85 -5.87 -16.15
N PRO B 33 -5.68 -5.22 -16.31
CA PRO B 33 -5.15 -4.84 -17.63
C PRO B 33 -4.23 -5.91 -18.24
N GLN B 34 -4.51 -6.33 -19.48
CA GLN B 34 -3.76 -7.42 -20.10
C GLN B 34 -2.74 -6.95 -21.14
N GLU B 35 -1.48 -7.27 -20.86
CA GLU B 35 -0.41 -7.26 -21.86
C GLU B 35 -0.84 -7.87 -23.19
N MET B 36 -0.18 -7.46 -24.28
CA MET B 36 -0.12 -8.31 -25.48
C MET B 36 1.34 -8.50 -25.84
N VAL B 37 1.83 -9.72 -25.63
CA VAL B 37 3.23 -10.05 -25.85
C VAL B 37 3.52 -10.18 -27.33
N LEU B 38 4.71 -9.76 -27.75
CA LEU B 38 5.13 -9.92 -29.14
C LEU B 38 6.50 -10.58 -29.24
N ALA B 39 6.54 -11.71 -29.93
CA ALA B 39 7.80 -12.26 -30.41
C ALA B 39 8.25 -11.37 -31.57
N ASN B 40 8.74 -11.96 -32.65
CA ASN B 40 9.06 -11.27 -33.92
C ASN B 40 9.62 -9.81 -33.94
N VAL B 41 9.48 -9.02 -32.86
CA VAL B 41 9.91 -7.62 -32.88
C VAL B 41 11.25 -7.38 -32.18
N THR B 42 11.87 -6.26 -32.54
CA THR B 42 13.03 -5.73 -31.85
C THR B 42 12.99 -4.21 -31.98
N GLU B 43 12.72 -3.50 -30.89
CA GLU B 43 12.56 -2.04 -30.94
C GLU B 43 13.58 -1.34 -30.05
N ASN B 44 13.90 -0.10 -30.42
CA ASN B 44 14.87 0.70 -29.70
C ASN B 44 14.18 1.66 -28.72
N PHE B 45 14.71 1.72 -27.51
CA PHE B 45 14.20 2.64 -26.49
C PHE B 45 15.29 3.63 -26.10
N ASN B 46 14.87 4.78 -25.59
CA ASN B 46 15.78 5.79 -25.05
C ASN B 46 15.14 6.50 -23.88
N MET B 47 15.41 6.01 -22.67
CA MET B 47 14.80 6.55 -21.45
C MET B 47 15.13 8.03 -21.25
N TRP B 48 16.16 8.52 -21.94
CA TRP B 48 16.67 9.86 -21.71
C TRP B 48 16.06 10.92 -22.63
N LYS B 49 15.32 10.47 -23.64
CA LYS B 49 14.57 11.37 -24.52
C LYS B 49 13.15 10.84 -24.69
N ASN B 50 12.45 10.68 -23.57
CA ASN B 50 11.07 10.20 -23.56
C ASN B 50 10.12 11.33 -23.17
N ASP B 51 9.03 11.48 -23.92
CA ASP B 51 8.07 12.57 -23.70
C ASP B 51 7.14 12.26 -22.52
N MET B 52 6.92 10.98 -22.28
CA MET B 52 6.12 10.52 -21.15
C MET B 52 6.65 11.14 -19.86
N VAL B 53 7.98 11.20 -19.77
CA VAL B 53 8.66 11.79 -18.62
C VAL B 53 8.23 13.24 -18.44
N GLU B 54 8.29 14.03 -19.51
CA GLU B 54 7.90 15.44 -19.45
C GLU B 54 6.42 15.59 -19.10
N GLN B 55 5.56 14.78 -19.73
CA GLN B 55 4.13 14.83 -19.42
C GLN B 55 3.87 14.55 -17.94
N MET B 56 4.44 13.45 -17.45
CA MET B 56 4.32 13.12 -16.03
C MET B 56 4.85 14.27 -15.18
N HIS B 57 6.01 14.79 -15.56
CA HIS B 57 6.61 15.92 -14.88
C HIS B 57 5.61 17.06 -14.72
N GLU B 58 5.03 17.49 -15.84
CA GLU B 58 4.00 18.52 -15.84
C GLU B 58 2.85 18.17 -14.90
N ASP B 59 2.35 16.95 -15.03
CA ASP B 59 1.25 16.49 -14.17
C ASP B 59 1.61 16.61 -12.68
N ILE B 60 2.80 16.15 -12.30
CA ILE B 60 3.20 16.22 -10.90
C ILE B 60 3.42 17.67 -10.46
N ILE B 61 3.90 18.52 -11.37
CA ILE B 61 4.00 19.94 -11.08
C ILE B 61 2.62 20.51 -10.76
N SER B 62 1.64 20.25 -11.63
CA SER B 62 0.27 20.71 -11.40
C SER B 62 -0.27 20.16 -10.08
N LEU B 63 -0.02 18.87 -9.85
CA LEU B 63 -0.44 18.20 -8.62
C LEU B 63 0.11 18.91 -7.39
N TRP B 64 1.42 19.13 -7.36
CA TRP B 64 2.06 19.85 -6.26
C TRP B 64 1.56 21.29 -6.19
N ASP B 65 1.27 21.88 -7.34
CA ASP B 65 0.78 23.26 -7.39
C ASP B 65 -0.57 23.37 -6.69
N GLU B 66 -1.50 22.48 -7.03
CA GLU B 66 -2.83 22.48 -6.43
C GLU B 66 -2.80 22.00 -4.99
N SER B 67 -1.95 21.01 -4.71
CA SER B 67 -1.89 20.40 -3.38
C SER B 67 -1.10 21.23 -2.39
N LEU B 68 0.23 21.20 -2.49
CA LEU B 68 1.10 21.91 -1.56
C LEU B 68 1.22 23.40 -1.90
N LYS B 69 0.43 24.23 -1.22
CA LYS B 69 0.48 25.66 -1.42
C LYS B 69 1.39 26.32 -0.38
N PRO B 70 2.53 26.90 -0.81
CA PRO B 70 3.44 27.52 0.16
C PRO B 70 2.90 28.84 0.71
N CYS B 71 3.27 29.17 1.94
CA CYS B 71 2.92 30.46 2.52
C CYS B 71 3.46 31.57 1.65
N VAL B 72 4.71 31.42 1.23
CA VAL B 72 5.35 32.40 0.35
C VAL B 72 5.98 31.72 -0.87
N LYS B 73 5.86 32.36 -2.03
CA LYS B 73 6.54 31.91 -3.24
C LYS B 73 7.33 33.07 -3.84
N LEU B 74 8.65 32.98 -3.75
CA LEU B 74 9.52 34.06 -4.19
C LEU B 74 10.25 33.67 -5.47
N THR B 75 10.20 34.55 -6.47
CA THR B 75 10.88 34.33 -7.74
C THR B 75 11.61 35.61 -8.16
N GLY B 76 12.86 35.75 -7.71
CA GLY B 76 13.64 36.93 -7.98
C GLY B 76 13.32 38.04 -6.99
N GLY B 77 12.59 39.04 -7.45
CA GLY B 77 12.16 40.15 -6.60
C GLY B 77 10.67 40.12 -6.36
N SER B 78 9.96 39.27 -7.08
CA SER B 78 8.51 39.18 -6.98
C SER B 78 8.10 38.02 -6.07
N ALA B 79 7.24 38.32 -5.08
CA ALA B 79 6.81 37.34 -4.09
C ALA B 79 5.29 37.24 -4.05
N ILE B 80 4.80 36.01 -3.97
CA ILE B 80 3.35 35.75 -3.87
C ILE B 80 3.03 35.09 -2.53
N THR B 81 2.02 35.61 -1.85
CA THR B 81 1.55 35.04 -0.59
C THR B 81 0.12 34.55 -0.71
N GLN B 82 -0.21 33.49 0.02
CA GLN B 82 -1.55 32.92 0.03
C GLN B 82 -1.70 32.00 1.23
N ALA B 83 -2.86 31.35 1.35
CA ALA B 83 -3.10 30.44 2.46
C ALA B 83 -2.26 29.18 2.30
N CYS B 84 -1.64 28.75 3.40
CA CYS B 84 -0.77 27.58 3.40
C CYS B 84 -1.20 26.59 4.48
N PRO B 85 -2.33 25.89 4.25
CA PRO B 85 -2.83 24.92 5.22
C PRO B 85 -2.05 23.61 5.19
N LYS B 86 -1.87 22.99 6.36
CA LYS B 86 -1.27 21.66 6.43
C LYS B 86 -2.26 20.63 5.91
N VAL B 87 -1.77 19.68 5.13
CA VAL B 87 -2.64 18.72 4.45
C VAL B 87 -2.22 17.28 4.71
N SER B 88 -3.02 16.35 4.22
CA SER B 88 -2.68 14.93 4.26
C SER B 88 -1.94 14.57 2.97
N PHE B 89 -0.69 14.12 3.10
CA PHE B 89 0.17 13.89 1.95
C PHE B 89 0.73 12.47 1.96
N ASP B 90 0.36 11.68 0.95
CA ASP B 90 0.90 10.33 0.81
C ASP B 90 0.72 9.84 -0.63
N PRO B 91 1.80 9.84 -1.43
CA PRO B 91 1.71 9.48 -2.86
C PRO B 91 1.00 8.15 -3.13
N ILE B 92 0.27 8.11 -4.24
CA ILE B 92 -0.39 6.89 -4.71
C ILE B 92 0.10 6.54 -6.11
N PRO B 93 0.05 5.25 -6.48
CA PRO B 93 0.49 4.84 -7.82
C PRO B 93 -0.30 5.53 -8.94
N LEU B 94 0.40 5.98 -9.98
CA LEU B 94 -0.22 6.60 -11.14
C LEU B 94 0.12 5.81 -12.40
N HIS B 95 -0.93 5.40 -13.12
CA HIS B 95 -0.78 4.75 -14.41
C HIS B 95 -0.88 5.79 -15.51
N TYR B 96 -0.08 5.65 -16.56
CA TYR B 96 -0.16 6.54 -17.71
C TYR B 96 -0.57 5.75 -18.95
N CYS B 97 -1.67 6.17 -19.56
CA CYS B 97 -2.29 5.41 -20.64
C CYS B 97 -2.36 6.23 -21.92
N ALA B 98 -2.20 5.55 -23.04
CA ALA B 98 -2.26 6.17 -24.35
C ALA B 98 -3.71 6.21 -24.83
N PRO B 99 -4.12 7.32 -25.48
CA PRO B 99 -5.50 7.43 -25.97
C PRO B 99 -5.79 6.53 -27.16
N ALA B 100 -7.01 6.58 -27.67
CA ALA B 100 -7.41 5.76 -28.81
C ALA B 100 -6.59 6.15 -30.05
N GLY B 101 -6.06 5.15 -30.75
CA GLY B 101 -5.25 5.37 -31.93
C GLY B 101 -3.76 5.22 -31.65
N PHE B 102 -3.42 5.04 -30.38
CA PHE B 102 -2.03 4.87 -29.95
C PHE B 102 -1.91 3.67 -29.01
N ALA B 103 -0.67 3.30 -28.71
CA ALA B 103 -0.40 2.18 -27.81
C ALA B 103 0.93 2.39 -27.10
N ILE B 104 1.13 1.69 -25.98
CA ILE B 104 2.38 1.82 -25.23
C ILE B 104 3.25 0.56 -25.36
N LEU B 105 4.39 0.73 -26.01
CA LEU B 105 5.39 -0.32 -26.12
C LEU B 105 6.12 -0.50 -24.80
N LYS B 106 6.29 -1.76 -24.39
CA LYS B 106 6.94 -2.11 -23.13
C LYS B 106 7.99 -3.19 -23.36
N CYS B 107 9.24 -2.85 -23.06
CA CYS B 107 10.35 -3.79 -23.13
C CYS B 107 10.36 -4.72 -21.92
N ASN B 108 10.42 -6.02 -22.16
CA ASN B 108 10.47 -7.00 -21.07
C ASN B 108 11.86 -7.59 -20.88
N ASN B 109 12.84 -7.08 -21.61
CA ASN B 109 14.23 -7.44 -21.35
C ASN B 109 14.61 -6.87 -19.99
N LYS B 110 14.70 -7.74 -18.98
CA LYS B 110 14.84 -7.31 -17.60
C LYS B 110 16.30 -7.03 -17.22
N THR B 111 17.16 -6.94 -18.24
CA THR B 111 18.53 -6.47 -18.06
C THR B 111 18.72 -5.21 -18.91
N PHE B 112 17.67 -4.84 -19.64
CA PHE B 112 17.68 -3.63 -20.46
C PHE B 112 17.88 -2.40 -19.60
N ASN B 113 18.73 -1.48 -20.06
CA ASN B 113 19.13 -0.31 -19.28
C ASN B 113 18.69 1.00 -19.94
N GLY B 114 17.49 1.00 -20.51
CA GLY B 114 16.85 2.22 -20.98
C GLY B 114 17.20 2.65 -22.38
N THR B 115 18.47 2.47 -22.77
CA THR B 115 18.95 2.95 -24.07
C THR B 115 19.33 1.81 -24.99
N GLY B 116 18.83 1.87 -26.22
CA GLY B 116 19.26 0.94 -27.26
C GLY B 116 18.22 -0.11 -27.61
N PRO B 117 18.67 -1.23 -28.23
CA PRO B 117 17.79 -2.31 -28.69
C PRO B 117 17.13 -3.10 -27.57
N CYS B 118 15.87 -3.46 -27.79
CA CYS B 118 15.13 -4.35 -26.90
C CYS B 118 14.33 -5.33 -27.75
N ARG B 119 14.47 -6.62 -27.44
CA ARG B 119 13.95 -7.68 -28.30
C ARG B 119 12.59 -8.18 -27.82
N ASN B 120 12.53 -8.68 -26.59
CA ASN B 120 11.26 -9.13 -26.03
C ASN B 120 10.37 -7.93 -25.73
N VAL B 121 9.40 -7.68 -26.60
CA VAL B 121 8.55 -6.50 -26.51
C VAL B 121 7.08 -6.89 -26.36
N SER B 122 6.37 -6.09 -25.57
CA SER B 122 4.92 -6.26 -25.42
C SER B 122 4.25 -4.91 -25.62
N THR B 123 2.95 -4.94 -25.90
CA THR B 123 2.17 -3.71 -26.00
C THR B 123 1.14 -3.67 -24.89
N VAL B 124 0.96 -2.48 -24.33
CA VAL B 124 -0.01 -2.25 -23.27
C VAL B 124 -0.81 -0.96 -23.47
N GLN B 125 -1.83 -0.84 -22.63
CA GLN B 125 -2.76 0.27 -22.65
C GLN B 125 -2.28 1.34 -21.69
N CYS B 126 -1.87 0.89 -20.50
CA CYS B 126 -1.41 1.78 -19.44
C CYS B 126 -0.15 1.22 -18.78
N THR B 127 0.66 2.11 -18.21
CA THR B 127 1.87 1.71 -17.51
C THR B 127 1.53 1.05 -16.19
N HIS B 128 2.55 0.58 -15.47
CA HIS B 128 2.35 0.04 -14.14
C HIS B 128 2.12 1.18 -13.14
N GLY B 129 1.72 0.84 -11.92
CA GLY B 129 1.47 1.85 -10.90
C GLY B 129 2.75 2.55 -10.48
N ILE B 130 2.83 3.86 -10.73
CA ILE B 130 4.00 4.66 -10.38
C ILE B 130 3.65 5.72 -9.35
N LYS B 131 4.28 5.62 -8.17
CA LYS B 131 4.09 6.63 -7.14
C LYS B 131 5.02 7.81 -7.43
N PRO B 132 4.46 9.01 -7.67
CA PRO B 132 5.29 10.17 -8.00
C PRO B 132 6.06 10.69 -6.78
N VAL B 133 7.07 9.93 -6.35
CA VAL B 133 7.86 10.31 -5.17
C VAL B 133 8.93 11.33 -5.55
N VAL B 134 8.85 12.50 -4.94
CA VAL B 134 9.84 13.55 -5.14
C VAL B 134 10.94 13.42 -4.10
N SER B 135 12.16 13.19 -4.56
CA SER B 135 13.30 13.03 -3.66
C SER B 135 14.62 13.22 -4.40
N THR B 136 15.71 13.25 -3.64
CA THR B 136 17.05 13.39 -4.21
C THR B 136 18.00 12.34 -3.64
N GLN B 137 19.08 12.08 -4.36
CA GLN B 137 20.10 11.10 -3.96
C GLN B 137 19.54 9.68 -3.96
N LEU B 138 18.53 9.43 -3.13
CA LEU B 138 17.91 8.11 -3.05
C LEU B 138 16.54 8.10 -3.73
N LEU B 139 16.27 7.05 -4.50
CA LEU B 139 14.98 6.84 -5.16
C LEU B 139 14.10 5.90 -4.31
N LEU B 140 12.94 6.40 -3.89
CA LEU B 140 12.10 5.70 -2.93
C LEU B 140 10.83 5.13 -3.55
N ASN B 141 10.40 3.99 -3.03
CA ASN B 141 9.18 3.30 -3.47
C ASN B 141 9.09 3.15 -4.99
N GLY B 142 10.17 2.70 -5.61
CA GLY B 142 10.17 2.40 -7.03
C GLY B 142 9.94 0.92 -7.24
N SER B 143 10.02 0.47 -8.48
CA SER B 143 10.00 -0.95 -8.79
C SER B 143 11.44 -1.47 -8.74
N LEU B 144 11.61 -2.69 -8.25
CA LEU B 144 12.94 -3.29 -8.15
C LEU B 144 13.31 -4.00 -9.44
N ALA B 145 14.61 -4.01 -9.77
CA ALA B 145 15.09 -4.84 -10.86
C ALA B 145 14.79 -6.30 -10.51
N GLU B 146 14.57 -7.12 -11.53
CA GLU B 146 14.06 -8.48 -11.32
C GLU B 146 15.18 -9.49 -11.15
N GLU B 147 16.33 -9.20 -11.77
CA GLU B 147 17.58 -9.87 -11.43
C GLU B 147 18.64 -8.78 -11.24
N GLU B 148 19.91 -9.13 -11.41
CA GLU B 148 21.05 -8.25 -11.09
C GLU B 148 20.86 -6.75 -11.31
N ILE B 149 21.42 -5.99 -10.38
CA ILE B 149 21.40 -4.52 -10.38
C ILE B 149 21.72 -3.94 -11.76
N ILE B 150 21.04 -2.84 -12.10
CA ILE B 150 21.19 -2.24 -13.43
C ILE B 150 21.73 -0.81 -13.35
N ILE B 151 22.79 -0.54 -14.12
CA ILE B 151 23.37 0.79 -14.21
C ILE B 151 22.80 1.53 -15.42
N ARG B 152 22.22 2.70 -15.21
CA ARG B 152 21.62 3.48 -16.29
C ARG B 152 22.27 4.83 -16.45
N SER B 153 22.59 5.19 -17.68
CA SER B 153 23.13 6.51 -17.99
C SER B 153 22.89 6.84 -19.45
N GLU B 154 22.63 8.11 -19.74
CA GLU B 154 22.55 8.57 -21.11
C GLU B 154 23.93 8.45 -21.76
N ASN B 155 24.95 8.40 -20.90
CA ASN B 155 26.34 8.48 -21.33
C ASN B 155 27.25 8.34 -20.10
N LEU B 156 27.94 7.22 -19.99
CA LEU B 156 28.69 6.90 -18.78
C LEU B 156 30.05 7.59 -18.72
N THR B 157 30.71 7.72 -19.87
CA THR B 157 32.04 8.34 -19.91
C THR B 157 31.93 9.86 -19.77
N ASN B 158 30.71 10.37 -19.78
CA ASN B 158 30.46 11.78 -19.49
C ASN B 158 30.07 11.94 -18.02
N ASN B 159 31.02 12.42 -17.22
CA ASN B 159 30.82 12.53 -15.78
C ASN B 159 29.76 13.57 -15.40
N ALA B 160 29.27 14.31 -16.38
CA ALA B 160 28.25 15.32 -16.14
C ALA B 160 26.85 14.73 -16.21
N LYS B 161 26.73 13.54 -16.76
CA LYS B 161 25.43 12.87 -16.88
C LYS B 161 25.12 12.07 -15.62
N THR B 162 23.90 12.24 -15.12
CA THR B 162 23.46 11.58 -13.90
C THR B 162 23.30 10.09 -14.13
N ILE B 163 23.77 9.29 -13.17
CA ILE B 163 23.69 7.83 -13.26
C ILE B 163 22.58 7.32 -12.36
N ILE B 164 21.71 6.48 -12.92
CA ILE B 164 20.63 5.87 -12.16
C ILE B 164 20.94 4.39 -11.91
N VAL B 165 21.12 4.06 -10.64
CA VAL B 165 21.33 2.68 -10.22
C VAL B 165 20.00 2.06 -9.82
N HIS B 166 19.59 1.04 -10.54
CA HIS B 166 18.38 0.30 -10.24
C HIS B 166 18.74 -0.95 -9.41
N LEU B 167 18.44 -0.87 -8.12
CA LEU B 167 18.64 -1.98 -7.20
C LEU B 167 17.58 -3.05 -7.45
N ASN B 168 17.83 -4.24 -6.91
CA ASN B 168 16.87 -5.34 -7.00
C ASN B 168 16.52 -5.89 -5.61
N GLU B 169 17.17 -5.34 -4.60
CA GLU B 169 16.81 -5.59 -3.21
C GLU B 169 16.60 -4.26 -2.51
N SER B 170 15.35 -3.99 -2.11
CA SER B 170 15.03 -2.74 -1.46
C SER B 170 15.78 -2.59 -0.16
N VAL B 171 16.21 -1.37 0.15
CA VAL B 171 16.83 -1.09 1.43
C VAL B 171 15.91 -0.20 2.26
N ASN B 172 15.25 -0.82 3.23
CA ASN B 172 14.35 -0.11 4.12
C ASN B 172 15.05 1.05 4.83
N ILE B 173 14.41 2.22 4.77
CA ILE B 173 14.89 3.42 5.47
C ILE B 173 13.74 3.98 6.30
N VAL B 174 14.03 4.32 7.56
CA VAL B 174 12.99 4.87 8.44
C VAL B 174 13.34 6.26 8.95
N CYS B 175 12.63 7.27 8.47
CA CYS B 175 12.88 8.65 8.88
C CYS B 175 11.81 9.07 9.88
N THR B 176 12.22 9.77 10.94
CA THR B 176 11.31 10.12 12.02
C THR B 176 11.68 11.39 12.75
N ARG B 177 10.67 12.22 12.97
CA ARG B 177 10.75 13.32 13.93
C ARG B 177 9.90 12.91 15.13
N PRO B 178 10.55 12.60 16.28
CA PRO B 178 9.86 12.04 17.44
C PRO B 178 8.87 12.99 18.12
N ASN B 179 8.35 12.57 19.27
CA ASN B 179 7.33 13.32 20.00
C ASN B 179 7.70 14.78 20.26
N ASN B 188 14.01 20.21 19.98
CA ASN B 188 13.93 20.83 18.66
C ASN B 188 12.86 20.15 17.82
N ILE B 189 11.86 20.94 17.40
CA ILE B 189 10.72 20.41 16.64
C ILE B 189 11.00 20.35 15.13
N ARG B 190 12.24 20.60 14.75
CA ARG B 190 12.65 20.59 13.34
C ARG B 190 13.72 19.55 13.08
N GLN B 191 14.33 19.06 14.15
CA GLN B 191 15.36 18.03 14.06
C GLN B 191 14.73 16.64 14.01
N ALA B 192 15.12 15.86 13.01
CA ALA B 192 14.63 14.50 12.83
C ALA B 192 15.80 13.59 12.55
N HIS B 193 15.55 12.31 12.32
CA HIS B 193 16.63 11.41 11.91
C HIS B 193 16.11 10.20 11.14
N CYS B 194 16.97 9.65 10.29
CA CYS B 194 16.66 8.43 9.55
C CYS B 194 17.49 7.27 10.09
N ASN B 195 16.95 6.06 10.02
CA ASN B 195 17.71 4.86 10.35
C ASN B 195 17.77 3.90 9.17
N ILE B 196 18.97 3.36 8.94
CA ILE B 196 19.21 2.36 7.92
C ILE B 196 20.08 1.24 8.50
N ASN B 197 19.74 0.00 8.18
CA ASN B 197 20.54 -1.14 8.61
C ASN B 197 21.82 -1.24 7.78
N GLU B 198 22.97 -1.25 8.45
CA GLU B 198 24.26 -1.13 7.77
C GLU B 198 24.57 -2.34 6.88
N SER B 199 24.19 -3.53 7.35
CA SER B 199 24.46 -4.77 6.63
C SER B 199 23.89 -4.73 5.21
N LYS B 200 22.59 -4.44 5.13
CA LYS B 200 21.90 -4.35 3.86
C LYS B 200 22.57 -3.30 2.96
N TRP B 201 22.96 -2.19 3.57
CA TRP B 201 23.58 -1.09 2.84
C TRP B 201 24.95 -1.48 2.31
N ASN B 202 25.70 -2.24 3.10
CA ASN B 202 27.04 -2.67 2.70
C ASN B 202 26.98 -3.74 1.63
N ASN B 203 26.04 -4.69 1.76
CA ASN B 203 25.80 -5.63 0.69
C ASN B 203 25.44 -4.87 -0.58
N THR B 204 24.49 -3.95 -0.44
CA THR B 204 24.06 -3.10 -1.54
C THR B 204 25.23 -2.44 -2.25
N LEU B 205 26.03 -1.66 -1.52
CA LEU B 205 27.15 -0.95 -2.12
C LEU B 205 28.27 -1.89 -2.56
N GLN B 206 28.34 -3.07 -1.96
CA GLN B 206 29.24 -4.11 -2.44
C GLN B 206 28.85 -4.47 -3.88
N LYS B 207 27.60 -4.89 -4.06
CA LYS B 207 27.14 -5.36 -5.38
C LYS B 207 27.11 -4.22 -6.41
N VAL B 208 26.62 -3.05 -5.99
CA VAL B 208 26.67 -1.86 -6.84
C VAL B 208 28.11 -1.56 -7.22
N GLY B 209 28.99 -1.63 -6.22
CA GLY B 209 30.41 -1.47 -6.43
C GLY B 209 30.93 -2.40 -7.50
N GLU B 210 30.53 -3.67 -7.42
CA GLU B 210 30.85 -4.63 -8.49
C GLU B 210 30.36 -4.17 -9.86
N GLU B 211 29.05 -3.92 -9.95
CA GLU B 211 28.45 -3.51 -11.23
C GLU B 211 29.14 -2.29 -11.82
N LEU B 212 29.56 -1.36 -10.96
CA LEU B 212 30.34 -0.21 -11.41
C LEU B 212 31.77 -0.64 -11.77
N ALA B 213 32.31 -1.58 -11.00
CA ALA B 213 33.67 -2.05 -11.21
C ALA B 213 33.77 -2.70 -12.58
N LYS B 214 32.68 -3.28 -13.06
CA LYS B 214 32.63 -3.73 -14.45
C LYS B 214 32.81 -2.57 -15.43
N HIS B 215 31.90 -1.61 -15.42
CA HIS B 215 31.87 -0.54 -16.42
C HIS B 215 33.14 0.34 -16.42
N PHE B 216 33.84 0.37 -15.30
CA PHE B 216 35.12 1.09 -15.20
C PHE B 216 36.20 0.07 -14.84
N PRO B 217 37.15 -0.17 -15.76
CA PRO B 217 37.99 -1.38 -15.79
C PRO B 217 38.56 -1.81 -14.44
N SER B 218 39.67 -1.20 -14.01
CA SER B 218 40.34 -1.61 -12.79
C SER B 218 40.81 -0.39 -12.00
N LYS B 219 39.85 0.26 -11.33
CA LYS B 219 40.15 1.43 -10.51
C LYS B 219 39.49 1.30 -9.16
N THR B 220 40.12 1.89 -8.15
CA THR B 220 39.55 1.98 -6.82
C THR B 220 38.25 2.78 -6.89
N ILE B 221 37.13 2.18 -6.51
CA ILE B 221 35.84 2.86 -6.65
C ILE B 221 35.37 3.41 -5.30
N LYS B 222 35.51 4.72 -5.14
CA LYS B 222 35.15 5.37 -3.89
C LYS B 222 33.75 6.00 -3.94
N PHE B 223 33.05 5.90 -2.82
CA PHE B 223 31.76 6.56 -2.63
C PHE B 223 31.93 7.67 -1.61
N GLU B 224 31.66 8.91 -2.04
CA GLU B 224 31.79 10.07 -1.15
C GLU B 224 30.55 10.97 -1.19
N PRO B 225 30.35 11.78 -0.14
CA PRO B 225 29.22 12.72 -0.11
C PRO B 225 29.25 13.77 -1.23
N SER B 226 28.13 14.44 -1.45
CA SER B 226 28.04 15.49 -2.48
C SER B 226 28.97 16.64 -2.13
N SER B 227 29.76 17.06 -3.13
CA SER B 227 30.82 18.05 -2.93
C SER B 227 30.28 19.38 -2.40
N GLY B 228 29.14 19.81 -2.93
CA GLY B 228 28.54 21.07 -2.50
C GLY B 228 27.36 21.48 -3.36
N GLY B 229 26.72 22.58 -2.97
CA GLY B 229 25.55 23.09 -3.68
C GLY B 229 24.39 23.36 -2.74
N ASP B 230 23.19 23.36 -3.29
CA ASP B 230 21.98 23.58 -2.48
C ASP B 230 21.69 22.35 -1.62
N LEU B 231 21.13 22.56 -0.44
CA LEU B 231 20.86 21.46 0.49
C LEU B 231 19.99 20.38 -0.13
N GLU B 232 19.13 20.78 -1.05
CA GLU B 232 18.22 19.83 -1.70
C GLU B 232 18.98 18.72 -2.43
N ILE B 233 20.23 19.01 -2.84
CA ILE B 233 21.03 18.03 -3.58
C ILE B 233 22.25 17.53 -2.79
N THR B 234 22.69 18.31 -1.81
CA THR B 234 23.79 17.89 -0.95
C THR B 234 23.27 17.01 0.18
N THR B 235 21.95 16.92 0.31
CA THR B 235 21.32 16.06 1.31
C THR B 235 20.28 15.19 0.64
N HIS B 236 19.90 14.10 1.32
CA HIS B 236 18.75 13.33 0.90
C HIS B 236 17.48 14.11 1.26
N SER B 237 17.02 14.93 0.31
CA SER B 237 15.84 15.75 0.53
C SER B 237 14.61 15.03 0.01
N PHE B 238 13.52 15.08 0.77
CA PHE B 238 12.29 14.42 0.37
C PHE B 238 11.12 14.99 1.17
N ASN B 239 9.91 14.57 0.81
CA ASN B 239 8.71 15.01 1.52
C ASN B 239 8.07 13.86 2.27
N CYS B 240 7.87 14.07 3.58
CA CYS B 240 7.16 13.12 4.43
C CYS B 240 5.91 13.79 5.01
N ARG B 241 4.74 13.33 4.58
CA ARG B 241 3.47 13.84 5.09
CA ARG B 241 3.47 13.84 5.09
C ARG B 241 3.40 15.37 4.98
N GLY B 242 3.83 15.90 3.84
CA GLY B 242 3.77 17.33 3.61
C GLY B 242 4.97 18.08 4.16
N GLU B 243 5.73 17.45 5.05
CA GLU B 243 6.90 18.09 5.65
C GLU B 243 8.16 17.81 4.83
N PHE B 244 8.95 18.85 4.58
CA PHE B 244 10.14 18.73 3.74
C PHE B 244 11.34 18.31 4.57
N PHE B 245 11.72 17.03 4.45
CA PHE B 245 12.89 16.51 5.16
C PHE B 245 14.16 16.72 4.35
N TYR B 246 15.22 17.15 5.05
CA TYR B 246 16.57 17.26 4.50
C TYR B 246 17.52 16.39 5.32
N CYS B 247 17.82 15.19 4.83
CA CYS B 247 18.55 14.20 5.63
C CYS B 247 20.00 14.04 5.17
N ASN B 248 20.89 13.91 6.16
CA ASN B 248 22.32 13.89 5.94
C ASN B 248 22.86 12.52 5.50
N THR B 249 23.63 12.49 4.41
CA THR B 249 24.14 11.24 3.86
C THR B 249 25.67 11.18 3.86
N SER B 250 26.30 11.93 4.77
CA SER B 250 27.76 11.94 4.87
C SER B 250 28.26 10.60 5.41
N ASP B 251 27.41 9.90 6.16
CA ASP B 251 27.75 8.60 6.74
C ASP B 251 27.15 7.44 5.92
N LEU B 252 26.46 7.77 4.85
CA LEU B 252 25.80 6.76 4.01
C LEU B 252 26.60 6.51 2.74
N PHE B 253 26.73 7.55 1.90
CA PHE B 253 27.59 7.48 0.73
C PHE B 253 29.03 7.74 1.16
N ASN B 254 29.64 6.73 1.77
CA ASN B 254 30.97 6.87 2.32
C ASN B 254 31.68 5.53 2.39
N GLY B 255 32.46 5.22 1.36
CA GLY B 255 33.15 3.94 1.34
C GLY B 255 34.11 3.72 0.19
N THR B 256 34.73 2.54 0.17
CA THR B 256 35.68 2.18 -0.88
C THR B 256 35.49 0.74 -1.36
N TYR B 257 35.34 0.58 -2.67
CA TYR B 257 35.31 -0.74 -3.30
C TYR B 257 36.66 -0.97 -3.98
N ARG B 258 37.36 -1.99 -3.51
CA ARG B 258 38.72 -2.31 -3.95
C ARG B 258 38.85 -3.80 -4.25
N ASN B 259 39.29 -4.12 -5.46
CA ASN B 259 39.72 -5.46 -5.85
C ASN B 259 38.88 -6.60 -5.24
N GLY B 260 37.57 -6.48 -5.35
CA GLY B 260 36.67 -7.56 -4.97
C GLY B 260 35.83 -7.29 -3.74
N THR B 261 36.26 -6.36 -2.89
CA THR B 261 35.58 -6.12 -1.61
C THR B 261 35.25 -4.66 -1.37
N TYR B 262 34.17 -4.43 -0.63
CA TYR B 262 33.75 -3.09 -0.23
C TYR B 262 34.06 -2.85 1.25
N ASN B 263 34.45 -1.63 1.56
CA ASN B 263 34.68 -1.22 2.95
C ASN B 263 33.92 0.07 3.25
N HIS B 264 33.04 0.00 4.24
CA HIS B 264 32.27 1.17 4.67
C HIS B 264 33.06 1.94 5.72
N THR B 265 33.42 3.17 5.38
CA THR B 265 34.24 4.01 6.25
C THR B 265 33.36 5.04 6.95
N GLY B 266 32.05 4.97 6.71
CA GLY B 266 31.10 5.88 7.33
C GLY B 266 30.76 5.43 8.73
N ARG B 267 30.49 6.38 9.61
CA ARG B 267 30.20 6.07 11.01
C ARG B 267 28.90 5.28 11.15
N SER B 268 28.93 4.26 12.00
CA SER B 268 27.76 3.44 12.30
C SER B 268 27.69 3.20 13.80
N SER B 269 26.58 2.60 14.26
CA SER B 269 26.42 2.31 15.68
C SER B 269 25.46 1.14 15.89
N ASN B 270 25.99 0.05 16.44
CA ASN B 270 25.22 -1.16 16.69
C ASN B 270 24.58 -1.69 15.42
N GLY B 271 25.26 -1.48 14.29
CA GLY B 271 24.79 -2.00 13.02
C GLY B 271 23.83 -1.06 12.31
N THR B 272 23.60 0.12 12.90
CA THR B 272 22.67 1.09 12.36
C THR B 272 23.37 2.36 11.89
N ILE B 273 23.10 2.75 10.65
CA ILE B 273 23.48 4.06 10.15
C ILE B 273 22.33 5.01 10.40
N THR B 274 22.60 6.11 11.10
CA THR B 274 21.56 7.09 11.39
C THR B 274 21.85 8.40 10.67
N LEU B 275 20.90 8.85 9.86
CA LEU B 275 21.02 10.14 9.19
C LEU B 275 20.43 11.23 10.07
N GLN B 276 21.13 12.35 10.20
CA GLN B 276 20.61 13.50 10.91
C GLN B 276 19.81 14.36 9.94
N CYS B 277 18.53 14.57 10.27
CA CYS B 277 17.62 15.28 9.38
C CYS B 277 17.14 16.58 9.97
N LYS B 278 16.69 17.46 9.09
CA LYS B 278 16.23 18.80 9.46
C LYS B 278 15.01 19.14 8.60
N ILE B 279 13.89 19.42 9.25
CA ILE B 279 12.69 19.87 8.55
C ILE B 279 12.80 21.36 8.27
N LYS B 280 12.82 21.72 6.98
CA LYS B 280 12.98 23.10 6.57
C LYS B 280 11.66 23.73 6.15
N GLN B 281 11.60 25.05 6.25
CA GLN B 281 10.45 25.82 5.78
C GLN B 281 10.80 26.45 4.42
N ILE B 282 12.04 26.90 4.29
CA ILE B 282 12.50 27.51 3.06
C ILE B 282 13.07 26.46 2.12
N ILE B 283 12.39 26.22 1.00
CA ILE B 283 12.87 25.24 0.03
C ILE B 283 13.13 25.87 -1.32
N ASN B 284 14.12 25.31 -2.03
CA ASN B 284 14.34 25.63 -3.43
C ASN B 284 13.45 24.73 -4.27
N MET B 285 12.42 25.31 -4.88
CA MET B 285 11.43 24.56 -5.63
C MET B 285 12.08 23.71 -6.71
N TRP B 286 11.58 22.49 -6.91
CA TRP B 286 12.10 21.64 -7.97
C TRP B 286 11.33 21.87 -9.26
N GLN B 287 10.13 22.43 -9.14
CA GLN B 287 9.25 22.66 -10.29
C GLN B 287 9.84 23.72 -11.20
N GLU B 288 10.32 24.79 -10.59
CA GLU B 288 10.84 25.94 -11.30
C GLU B 288 11.91 26.63 -10.46
N VAL B 289 12.58 27.62 -11.05
CA VAL B 289 13.62 28.34 -10.33
C VAL B 289 12.97 29.40 -9.43
N GLY B 290 13.07 29.19 -8.13
CA GLY B 290 12.48 30.08 -7.15
C GLY B 290 12.39 29.40 -5.81
N ARG B 291 12.02 30.14 -4.77
CA ARG B 291 11.95 29.59 -3.42
C ARG B 291 10.53 29.57 -2.89
N ALA B 292 10.23 28.54 -2.09
CA ALA B 292 8.93 28.41 -1.46
C ALA B 292 9.08 28.33 0.06
N ILE B 293 8.22 29.04 0.77
CA ILE B 293 8.24 29.04 2.23
C ILE B 293 6.91 28.50 2.77
N TYR B 294 7.02 27.45 3.57
CA TYR B 294 5.88 26.77 4.16
C TYR B 294 5.81 27.01 5.66
N ALA B 295 4.72 26.58 6.27
CA ALA B 295 4.50 26.79 7.70
C ALA B 295 5.33 25.82 8.52
N PRO B 296 5.59 26.14 9.80
CA PRO B 296 6.32 25.25 10.70
C PRO B 296 5.75 23.84 10.76
N PRO B 297 6.56 22.85 11.16
CA PRO B 297 6.12 21.46 11.16
C PRO B 297 4.94 21.20 12.09
N ILE B 298 4.08 20.26 11.70
CA ILE B 298 2.94 19.87 12.51
C ILE B 298 3.40 19.26 13.83
N GLU B 299 2.44 18.92 14.68
CA GLU B 299 2.74 18.34 15.99
C GLU B 299 2.64 16.82 15.93
N GLY B 300 3.20 16.15 16.93
CA GLY B 300 3.15 14.70 17.02
C GLY B 300 4.32 14.03 16.30
N GLU B 301 4.34 12.71 16.32
CA GLU B 301 5.39 11.94 15.66
C GLU B 301 5.25 12.02 14.15
N ILE B 302 6.29 12.49 13.46
CA ILE B 302 6.29 12.54 12.00
C ILE B 302 7.24 11.49 11.44
N THR B 303 6.71 10.33 11.08
CA THR B 303 7.55 9.21 10.65
C THR B 303 7.17 8.67 9.26
N CYS B 304 8.20 8.46 8.45
CA CYS B 304 8.03 7.82 7.15
C CYS B 304 8.93 6.60 7.04
N ASN B 305 8.30 5.45 6.79
CA ASN B 305 9.00 4.19 6.59
C ASN B 305 8.99 3.86 5.10
N SER B 306 10.12 4.04 4.44
CA SER B 306 10.20 3.90 2.98
C SER B 306 11.19 2.82 2.57
N ASN B 307 11.19 2.49 1.28
CA ASN B 307 12.11 1.52 0.71
C ASN B 307 13.00 2.14 -0.36
N ILE B 308 14.30 2.13 -0.13
CA ILE B 308 15.25 2.59 -1.13
C ILE B 308 15.32 1.56 -2.25
N THR B 309 14.95 1.98 -3.46
CA THR B 309 14.87 1.09 -4.61
C THR B 309 15.82 1.50 -5.72
N GLY B 310 16.41 2.69 -5.60
CA GLY B 310 17.34 3.17 -6.61
C GLY B 310 18.32 4.18 -6.05
N LEU B 311 19.40 4.42 -6.79
CA LEU B 311 20.38 5.44 -6.40
C LEU B 311 20.65 6.41 -7.55
N LEU B 312 20.90 7.67 -7.21
CA LEU B 312 21.28 8.69 -8.18
C LEU B 312 22.72 9.12 -7.91
N LEU B 313 23.59 8.91 -8.90
CA LEU B 313 25.02 9.14 -8.71
C LEU B 313 25.61 10.10 -9.73
N LEU B 314 26.72 10.72 -9.35
CA LEU B 314 27.50 11.57 -10.22
C LEU B 314 28.97 11.26 -10.00
N ARG B 315 29.67 10.95 -11.09
CA ARG B 315 31.08 10.63 -11.04
C ARG B 315 31.92 11.90 -11.13
N ASP B 316 33.09 11.89 -10.50
CA ASP B 316 34.00 13.03 -10.54
C ASP B 316 34.79 13.05 -11.86
N ASP B 323 43.76 6.45 -11.19
CA ASP B 323 44.03 5.88 -9.88
C ASP B 323 42.74 5.39 -9.22
N THR B 324 41.73 6.25 -9.16
CA THR B 324 40.49 5.93 -8.48
C THR B 324 39.32 6.70 -9.07
N GLU B 325 38.14 6.08 -9.06
CA GLU B 325 36.91 6.72 -9.50
C GLU B 325 36.01 7.02 -8.31
N THR B 326 35.59 8.29 -8.20
CA THR B 326 34.79 8.74 -7.08
C THR B 326 33.34 9.01 -7.51
N PHE B 327 32.39 8.48 -6.75
CA PHE B 327 30.98 8.68 -7.03
C PHE B 327 30.30 9.44 -5.88
N ARG B 328 29.40 10.34 -6.23
CA ARG B 328 28.70 11.16 -5.25
C ARG B 328 27.20 11.20 -5.51
N PRO B 329 26.40 11.34 -4.45
CA PRO B 329 24.94 11.37 -4.63
C PRO B 329 24.48 12.61 -5.40
N GLY B 330 23.62 12.41 -6.39
CA GLY B 330 23.10 13.48 -7.23
C GLY B 330 21.61 13.66 -7.06
N GLY B 331 20.96 14.24 -8.07
CA GLY B 331 19.54 14.51 -8.04
C GLY B 331 19.28 15.98 -8.29
N GLY B 332 18.01 16.37 -8.26
CA GLY B 332 17.61 17.74 -8.49
C GLY B 332 16.66 17.83 -9.67
N ASP B 333 16.95 17.08 -10.72
CA ASP B 333 16.08 17.00 -11.89
C ASP B 333 15.14 15.81 -11.74
N MET B 334 13.93 16.07 -11.25
CA MET B 334 12.96 15.00 -10.95
C MET B 334 12.53 14.22 -12.19
N ARG B 335 12.90 14.69 -13.36
CA ARG B 335 12.63 13.96 -14.59
C ARG B 335 13.32 12.60 -14.55
N ASP B 336 14.50 12.55 -13.94
CA ASP B 336 15.22 11.30 -13.75
C ASP B 336 14.41 10.35 -12.85
N ASN B 337 13.83 10.90 -11.79
CA ASN B 337 13.00 10.12 -10.87
C ASN B 337 11.83 9.46 -11.61
N TRP B 338 11.35 10.13 -12.66
CA TRP B 338 10.28 9.56 -13.48
C TRP B 338 10.88 8.56 -14.48
N ARG B 339 12.06 8.91 -15.00
CA ARG B 339 12.78 8.01 -15.91
C ARG B 339 13.07 6.66 -15.27
N SER B 340 13.39 6.68 -13.98
CA SER B 340 13.70 5.46 -13.23
C SER B 340 12.59 4.42 -13.33
N GLU B 341 11.36 4.87 -13.57
CA GLU B 341 10.21 3.99 -13.70
C GLU B 341 9.71 3.91 -15.15
N LEU B 342 9.85 5.02 -15.89
CA LEU B 342 9.35 5.10 -17.26
C LEU B 342 10.37 4.65 -18.32
N TYR B 343 11.43 3.99 -17.90
CA TYR B 343 12.47 3.56 -18.85
C TYR B 343 11.98 2.42 -19.73
N LYS B 344 11.06 1.62 -19.21
CA LYS B 344 10.57 0.45 -19.94
C LYS B 344 9.69 0.83 -21.12
N TYR B 345 9.03 1.99 -21.00
CA TYR B 345 7.91 2.32 -21.86
C TYR B 345 8.27 3.23 -23.04
N LYS B 346 7.50 3.08 -24.12
CA LYS B 346 7.63 3.93 -25.29
C LYS B 346 6.27 4.12 -25.95
N VAL B 347 5.88 5.38 -26.17
CA VAL B 347 4.60 5.69 -26.78
C VAL B 347 4.70 5.53 -28.30
N VAL B 348 3.73 4.82 -28.88
CA VAL B 348 3.74 4.61 -30.34
C VAL B 348 2.34 4.75 -30.94
N GLU B 349 2.31 5.13 -32.21
CA GLU B 349 1.07 5.17 -32.98
C GLU B 349 1.01 3.95 -33.88
N ILE B 350 -0.19 3.43 -34.11
CA ILE B 350 -0.37 2.19 -34.87
C ILE B 350 -1.36 2.41 -36.02
C1 NAG C . -4.17 -10.64 28.04
C2 NAG C . -3.73 -11.07 26.64
C3 NAG C . -2.36 -10.47 26.30
C4 NAG C . -2.37 -8.96 26.53
C5 NAG C . -2.86 -8.65 27.94
C6 NAG C . -3.00 -7.16 28.21
C7 NAG C . -4.56 -13.24 25.84
C8 NAG C . -4.34 -14.73 25.85
N2 NAG C . -3.68 -12.52 26.54
O3 NAG C . -2.03 -10.75 24.95
O4 NAG C . -1.05 -8.43 26.38
O5 NAG C . -4.17 -9.22 28.13
O6 NAG C . -2.17 -6.40 27.34
O7 NAG C . -5.48 -12.72 25.21
C1 NAG D . -11.83 -3.39 -3.57
C2 NAG D . -13.22 -4.01 -3.70
C3 NAG D . -13.66 -4.01 -5.17
C4 NAG D . -13.56 -2.60 -5.74
C5 NAG D . -12.16 -2.02 -5.51
C6 NAG D . -12.06 -0.57 -5.93
C7 NAG D . -14.23 -5.85 -2.41
C8 NAG D . -14.08 -7.26 -1.94
N2 NAG D . -13.23 -5.37 -3.17
O3 NAG D . -14.98 -4.49 -5.26
O4 NAG D . -13.84 -2.63 -7.14
O5 NAG D . -11.84 -2.07 -4.11
O6 NAG D . -13.17 -0.16 -6.71
O7 NAG D . -15.21 -5.16 -2.11
C1 NAG E . -9.69 -18.74 29.45
C2 NAG E . -9.39 -18.02 30.76
C3 NAG E . -7.92 -18.14 31.12
C4 NAG E . -7.51 -19.60 31.14
C5 NAG E . -7.87 -20.27 29.81
C6 NAG E . -7.59 -21.76 29.80
C7 NAG E . -9.52 -15.68 29.88
C8 NAG E . -8.59 -16.06 28.75
N2 NAG E . -9.84 -16.63 30.77
O3 NAG E . -7.68 -17.55 32.39
O4 NAG E . -6.11 -19.72 31.37
O5 NAG E . -9.27 -20.11 29.54
O6 NAG E . -6.76 -22.13 30.88
O7 NAG E . -9.95 -14.54 30.00
C1 NAG F . 6.13 -6.30 9.54
C2 NAG F . 7.22 -5.23 9.35
C3 NAG F . 8.59 -5.88 9.33
C4 NAG F . 8.79 -6.75 10.57
C5 NAG F . 7.63 -7.74 10.72
C6 NAG F . 7.69 -8.54 11.99
C7 NAG F . 6.98 -3.14 8.04
C8 NAG F . 7.22 -2.38 9.31
N2 NAG F . 6.99 -4.47 8.13
O3 NAG F . 9.59 -4.87 9.27
O4 NAG F . 10.00 -7.48 10.46
O5 NAG F . 6.38 -7.02 10.73
O6 NAG F . 6.57 -8.28 12.82
O7 NAG F . 6.77 -2.56 6.98
C1 NAG G . -10.90 -27.53 -1.45
C2 NAG G . -11.67 -28.78 -1.04
C3 NAG G . -10.69 -29.93 -0.80
C4 NAG G . -9.81 -30.13 -2.01
C5 NAG G . -9.13 -28.81 -2.41
C6 NAG G . -8.33 -28.90 -3.68
C7 NAG G . -13.63 -27.84 0.10
C8 NAG G . -14.35 -27.67 1.41
N2 NAG G . -12.49 -28.53 0.14
O3 NAG G . -11.42 -31.12 -0.52
O4 NAG G . -8.80 -31.10 -1.73
O5 NAG G . -10.12 -27.80 -2.61
O6 NAG G . -8.91 -29.81 -4.61
O7 NAG G . -14.07 -27.37 -0.94
C1 NAG H . -1.16 -28.79 0.44
C2 NAG H . -2.08 -30.00 0.54
C3 NAG H . -1.45 -31.20 -0.17
C4 NAG H . -1.06 -30.84 -1.58
C5 NAG H . -0.16 -29.59 -1.57
C6 NAG H . 0.18 -29.10 -2.96
C7 NAG H . -3.58 -30.22 2.51
C8 NAG H . -4.70 -29.74 1.63
N2 NAG H . -2.37 -30.33 1.92
O3 NAG H . -2.37 -32.29 -0.17
O4 NAG H . -0.34 -31.91 -2.19
O5 NAG H . -0.86 -28.52 -0.92
O6 NAG H . -0.24 -27.76 -3.16
O7 NAG H . -3.76 -30.50 3.68
CAA 5VH I . -20.34 -15.70 4.57
CAB 5VH I . -19.73 -14.81 3.68
FAC 5VH I . -18.37 -14.72 3.65
CAD 5VH I . -20.50 -14.01 2.86
CLAE 5VH I . -19.73 -12.90 1.77
CAF 5VH I . -21.88 -14.10 2.89
CAG 5VH I . -22.50 -14.99 3.77
CAH 5VH I . -21.72 -15.79 4.60
NAI 5VH I . -22.31 -16.66 5.44
CAJ 5VH I . -21.88 -16.71 6.74
OAK 5VH I . -20.94 -16.01 7.17
CAL 5VH I . -22.54 -17.65 7.81
OAM 5VH I . -23.48 -18.33 7.40
NAN 5VH I . -22.14 -17.76 9.10
CAO 5VH I . -22.69 -18.61 10.17
CAP 5VH I . -21.73 -18.76 11.19
CAQ 5VH I . -20.69 -19.60 11.23
CAR 5VH I . -19.85 -19.63 12.33
CAS 5VH I . -18.76 -20.50 12.37
NAT 5VH I . -19.19 -21.78 12.93
CAU 5VH I . -20.57 -21.96 13.42
CBF 5VH I . -18.35 -22.83 13.02
NBH 5VH I . -18.75 -24.01 13.54
NBG 5VH I . -17.09 -22.72 12.59
CAV 5VH I . -20.10 -18.77 13.38
CAW 5VH I . -21.20 -17.91 13.28
CAX 5VH I . -21.98 -17.93 12.21
CAY 5VH I . -23.12 -17.15 11.94
CAZ 5VH I . -23.83 -17.90 10.85
CBA 5VH I . -24.73 -18.49 11.07
NBB 5VH I . -25.62 -18.70 9.71
CBC 5VH I . -26.43 -19.71 9.02
NBE 5VH I . -25.86 -20.72 9.08
NBD 5VH I . -27.15 -20.09 7.76
C1 NAG J . 23.26 0.52 -22.50
C2 NAG J . 24.77 0.72 -22.42
C3 NAG J . 25.33 1.01 -23.81
C4 NAG J . 24.92 -0.09 -24.78
C5 NAG J . 23.40 -0.27 -24.76
C6 NAG J . 22.93 -1.43 -25.60
C7 NAG J . 25.38 1.59 -20.21
C8 NAG J . 25.70 2.81 -19.40
N2 NAG J . 25.10 1.79 -21.49
O3 NAG J . 26.75 1.09 -23.74
O4 NAG J . 25.32 0.26 -26.10
O5 NAG J . 22.97 -0.53 -23.42
O6 NAG J . 21.60 -1.81 -25.27
O7 NAG J . 25.37 0.46 -19.71
C1 NAG K . 6.80 5.24 1.68
C2 NAG K . 6.23 6.58 2.14
C3 NAG K . 5.57 6.40 3.51
C4 NAG K . 4.53 5.29 3.45
C5 NAG K . 5.11 4.01 2.85
C6 NAG K . 4.06 2.97 2.57
C7 NAG K . 7.57 8.38 1.16
C8 NAG K . 8.66 9.39 1.39
N2 NAG K . 7.26 7.61 2.20
O3 NAG K . 4.94 7.63 3.89
O4 NAG K . 4.06 5.01 4.77
O5 NAG K . 5.76 4.28 1.60
O6 NAG K . 3.12 3.41 1.61
O7 NAG K . 6.99 8.28 0.08
C1 NAG L . 30.62 9.93 -24.50
C2 NAG L . 30.36 10.41 -25.91
C3 NAG L . 31.68 10.80 -26.58
C4 NAG L . 32.42 11.82 -25.71
C5 NAG L . 32.54 11.32 -24.27
C6 NAG L . 33.11 12.35 -23.33
C7 NAG L . 28.41 9.51 -27.13
C8 NAG L . 27.87 8.36 -27.92
N2 NAG L . 29.67 9.39 -26.71
O3 NAG L . 31.42 11.35 -27.86
O4 NAG L . 33.72 12.03 -26.24
O5 NAG L . 31.26 10.95 -23.75
O6 NAG L . 32.15 13.36 -23.03
O7 NAG L . 27.74 10.51 -26.88
C1 NAG M . 21.50 -8.51 -7.00
C2 NAG M . 21.46 -10.01 -7.24
C3 NAG M . 22.87 -10.56 -7.31
C4 NAG M . 23.69 -9.79 -8.35
C5 NAG M . 23.59 -8.28 -8.10
C6 NAG M . 24.24 -7.46 -9.18
C7 NAG M . 19.64 -11.47 -6.39
C8 NAG M . 19.21 -11.69 -7.81
N2 NAG M . 20.70 -10.68 -6.19
O3 NAG M . 22.83 -11.94 -7.66
O4 NAG M . 25.04 -10.18 -8.30
O5 NAG M . 22.21 -7.88 -8.04
O6 NAG M . 25.62 -7.28 -8.94
O7 NAG M . 19.05 -12.01 -5.45
C1 NAG N . 28.23 -4.72 7.51
C2 NAG N . 29.69 -4.91 7.87
C3 NAG N . 29.79 -5.83 9.09
C4 NAG N . 28.95 -5.27 10.24
C5 NAG N . 27.53 -4.97 9.77
C6 NAG N . 26.72 -4.22 10.80
C7 NAG N . 31.00 -4.68 5.81
C8 NAG N . 31.75 -5.40 4.72
N2 NAG N . 30.45 -5.46 6.76
O3 NAG N . 31.16 -5.95 9.48
O4 NAG N . 28.90 -6.22 11.29
O5 NAG N . 27.55 -4.14 8.60
O6 NAG N . 27.39 -3.05 11.24
O7 NAG N . 30.91 -3.46 5.85
C1 NAG O . 27.24 16.62 6.57
C2 NAG O . 27.31 18.12 6.46
C3 NAG O . 28.71 18.61 6.81
C4 NAG O . 29.13 18.08 8.17
C5 NAG O . 28.92 16.58 8.26
C6 NAG O . 29.13 16.04 9.66
C7 NAG O . 25.76 19.20 4.88
C8 NAG O . 25.52 19.58 3.44
N2 NAG O . 26.92 18.57 5.13
O3 NAG O . 28.74 20.03 6.79
O4 NAG O . 30.50 18.38 8.41
O5 NAG O . 27.58 16.23 7.89
O6 NAG O . 28.24 16.64 10.59
O7 NAG O . 24.95 19.44 5.75
C1 NAG P . 33.73 9.67 6.69
C2 NAG P . 33.87 11.09 6.15
C3 NAG P . 34.51 11.98 7.21
C4 NAG P . 33.73 11.91 8.51
C5 NAG P . 33.55 10.45 8.95
C6 NAG P . 32.65 10.29 10.15
C7 NAG P . 34.36 11.74 3.81
C8 NAG P . 33.09 12.54 3.82
N2 NAG P . 34.68 11.09 4.93
O3 NAG P . 34.54 13.33 6.73
O4 NAG P . 34.41 12.62 9.54
O5 NAG P . 32.94 9.70 7.88
O6 NAG P . 31.28 10.48 9.83
O7 NAG P . 35.08 11.70 2.81
CAA 5VH Q . 14.03 18.64 -4.07
CAB 5VH Q . 13.37 17.66 -3.34
FAC 5VH Q . 13.99 16.48 -3.08
CAD 5VH Q . 12.08 17.89 -2.86
CLAE 5VH Q . 11.27 16.67 -1.96
CAF 5VH Q . 11.45 19.10 -3.11
CAG 5VH Q . 12.11 20.08 -3.85
CAH 5VH Q . 13.40 19.85 -4.32
NAI 5VH Q . 14.03 20.81 -5.02
CAJ 5VH Q . 14.68 20.45 -6.18
OAK 5VH Q . 14.72 19.28 -6.59
CAL 5VH Q . 15.41 21.49 -7.09
OAM 5VH Q . 15.36 22.66 -6.71
NAN 5VH Q . 16.08 21.20 -8.23
CAO 5VH Q . 16.79 22.09 -9.16
CAP 5VH Q . 17.71 21.36 -9.92
CAQ 5VH Q . 18.93 20.95 -9.59
CAR 5VH Q . 19.70 20.23 -10.49
CAS 5VH Q . 20.98 19.79 -10.13
NAT 5VH Q . 21.96 20.84 -10.44
CAU 5VH Q . 21.53 22.08 -11.10
CBF 5VH Q . 23.26 20.70 -10.13
NBH 5VH Q . 24.16 21.66 -10.42
NBG 5VH Q . 23.69 19.59 -9.52
CAV 5VH Q . 19.19 19.96 -11.74
CAW 5VH Q . 17.91 20.41 -12.04
CAX 5VH Q . 17.20 21.10 -11.14
CAY 5VH Q . 15.92 21.65 -11.26
CAZ 5VH Q . 15.83 22.66 -10.16
CBA 5VH Q . 15.90 23.74 -10.39
NBB 5VH Q . 15.23 24.62 -9.19
CBC 5VH Q . 15.42 25.86 -8.44
NBE 5VH Q . 16.54 25.93 -8.16
NBD 5VH Q . 14.98 26.70 -7.27
#